data_6O79
#
_entry.id   6O79
#
_cell.length_a   157.014
_cell.length_b   157.014
_cell.length_c   186.052
_cell.angle_alpha   90.00
_cell.angle_beta   90.00
_cell.angle_gamma   120.00
#
_symmetry.space_group_name_H-M   'P 65 2 2'
#
loop_
_entity.id
_entity.type
_entity.pdbx_description
1 polymer 'CRISPR system single-strand-specific deoxyribonuclease Cas10/Csm1 (subtype III-A)'
2 polymer Csm4
3 polymer 'cyclic RNA cA3'
#
loop_
_entity_poly.entity_id
_entity_poly.type
_entity_poly.pdbx_seq_one_letter_code
_entity_poly.pdbx_strand_id
1 'polypeptide(L)'
;MGSSHHHHHHSQDPMEIDELTALGGLLHDIGKPVQRAGLYSGDHSTQGARFLRDLAENTGRAEYELLSLFSEFHHKGHMK
NDELMIRRIKELSPERFGLTMEDVLNALWIVYEADNLASGEREEGQPQASRPLYSVFNPGKAYPWAELDFEKELPVPGDV
FSIRSQDYRELVKRLWEELSKAKLRSDRLLPVLEKYLTFVSSVTSEGNIISLYDHMRMTSAIALAMLRAGCTAEDVRSGR
CRKEKRFLLIEGDFSGIQDFIYRVSGKGTLKYLRARSAYLELIGWDVVLEILSRLGLTRANVVFNAGGHFMIIAQNTPDA
VKELEEIRAKAVEWLYREFESDLYLAIEWEPVSGREFGREGGKNLFAEARKRLKHKLTVRKLKRFGEIKGLFEHGHTERL
AECPVCGRELPEGKLEPSASDPETKVCPTCNRLVSLGGNLPKLLGFGRTAKNDAGVLVEGPFSGFVPYLQGGRPVGEQIL
VKNTLNPGEIPESAQFVPYFVADYFKKDPKGGVATFEELSMASTGTRRLGVMKGDVDRLGEFFSSMDSPSKLATASRFMD
YFFKGYIGAIIEGKFGYIIGDVPSLRDWPEEPDIVVVYAGGDAFFIVGAWDQIFELAFRVRRAFNAYTGGKLTLSVGLGY
FDERTPIYRMADVVSERLDTAKDEGRNRVFVVGRSRPLDGKHKLSYEWNHYEELWRTYAPRIYAGNGRLKGKLESKKGLL
WKLLEIRELYVRDPNDVRWAYLTAYLLGRHGLSDLFPELVGIDTKAVERKEPQPVYWVDGVLKIVLMAVRR
;
A
2 'polypeptide(L)'
;MPKFIAVKLIPKGPFRDIPRADTLFGAIGNAISAIHGQSAVEELVDAFVGGARISSAFPYSGDTYYLPKPLSVEPALEGI
LTGLDEEERYTTAKRLRKAKYLDLKNFELALRLRPFTIPEEIPYARVDVPRVVLDRVTQDSSIYFWEEIRFREKSGVYFL
YSGPREVFDGYIAPAMRFLGDTGIGGKSTWGAGLFEVEFHEMKIDAPGSEYSVTLSNALPTKTPVLWRLLRKGGWSFGRR
KPRMTFIAEGSIVKNDPGGMERLELGLSHEVYVYGLTFPLGVELPEGLE
;
B
3 'polyribonucleotide' AAA C
#
# COMPACT_ATOMS: atom_id res chain seq x y z
N MET A 15 2.20 7.83 40.31
CA MET A 15 1.50 8.11 39.01
C MET A 15 1.66 9.59 38.64
N GLU A 16 1.28 9.96 37.40
CA GLU A 16 1.23 11.36 36.89
C GLU A 16 -0.07 11.55 36.11
N ILE A 17 -0.49 12.79 35.90
CA ILE A 17 -1.81 13.16 35.28
C ILE A 17 -1.94 12.50 33.90
N ASP A 18 -0.84 12.39 33.15
CA ASP A 18 -0.81 11.88 31.75
C ASP A 18 -1.11 10.37 31.75
N GLU A 19 -0.40 9.58 32.56
CA GLU A 19 -0.58 8.10 32.67
C GLU A 19 -2.02 7.82 33.12
N LEU A 20 -2.51 8.54 34.12
CA LEU A 20 -3.88 8.40 34.69
C LEU A 20 -4.93 8.50 33.58
N THR A 21 -4.92 9.62 32.83
CA THR A 21 -5.92 9.95 31.77
C THR A 21 -5.91 8.88 30.68
N ALA A 22 -4.72 8.38 30.31
CA ALA A 22 -4.54 7.28 29.34
C ALA A 22 -5.24 6.03 29.88
N LEU A 23 -4.80 5.54 31.04
CA LEU A 23 -5.38 4.35 31.74
C LEU A 23 -6.86 4.60 32.02
N GLY A 24 -7.25 5.87 32.24
CA GLY A 24 -8.62 6.30 32.55
C GLY A 24 -9.57 6.07 31.38
N GLY A 25 -9.20 6.53 30.19
CA GLY A 25 -9.94 6.27 28.94
C GLY A 25 -9.92 4.79 28.58
N LEU A 26 -8.82 4.11 28.89
CA LEU A 26 -8.54 2.71 28.48
C LEU A 26 -9.38 1.73 29.33
N LEU A 27 -9.82 2.14 30.53
CA LEU A 27 -10.58 1.27 31.47
C LEU A 27 -12.01 1.80 31.70
N HIS A 28 -12.38 2.96 31.14
CA HIS A 28 -13.71 3.58 31.34
C HIS A 28 -14.80 2.51 31.23
N ASP A 29 -14.77 1.71 30.15
CA ASP A 29 -15.87 0.77 29.79
C ASP A 29 -15.44 -0.69 30.01
N ILE A 30 -14.65 -0.98 31.06
CA ILE A 30 -14.33 -2.38 31.48
C ILE A 30 -15.49 -2.91 32.33
N GLY A 31 -16.46 -2.05 32.68
CA GLY A 31 -17.73 -2.45 33.31
C GLY A 31 -18.53 -3.39 32.43
N LYS A 32 -18.48 -3.18 31.11
CA LYS A 32 -19.36 -3.88 30.14
C LYS A 32 -19.19 -5.40 30.28
N PRO A 33 -17.96 -5.97 30.18
CA PRO A 33 -17.78 -7.41 30.23
C PRO A 33 -18.18 -8.06 31.57
N VAL A 34 -18.05 -7.33 32.68
CA VAL A 34 -18.38 -7.85 34.04
C VAL A 34 -19.91 -7.86 34.21
N GLN A 35 -20.63 -6.86 33.68
CA GLN A 35 -22.11 -6.83 33.66
C GLN A 35 -22.63 -8.07 32.94
N ARG A 36 -22.10 -8.30 31.73
CA ARG A 36 -22.53 -9.37 30.80
C ARG A 36 -22.31 -10.74 31.43
N ALA A 37 -21.25 -10.89 32.24
CA ALA A 37 -20.96 -12.18 32.91
C ALA A 37 -21.75 -12.33 34.22
N GLY A 38 -22.54 -11.33 34.60
CA GLY A 38 -23.36 -11.35 35.82
C GLY A 38 -22.67 -10.57 36.91
N LEU A 39 -22.21 -11.25 37.95
CA LEU A 39 -21.45 -10.58 39.03
C LEU A 39 -22.21 -9.45 39.74
N TYR A 40 -21.70 -8.23 39.65
CA TYR A 40 -22.12 -7.16 40.61
C TYR A 40 -23.61 -6.81 40.51
N SER A 41 -24.33 -7.45 39.59
CA SER A 41 -25.80 -7.22 39.51
C SER A 41 -26.18 -5.76 39.24
N GLY A 42 -25.21 -4.82 39.18
CA GLY A 42 -25.47 -3.40 38.88
C GLY A 42 -25.54 -3.14 37.38
N ASP A 43 -25.64 -1.88 36.97
CA ASP A 43 -25.46 -1.43 35.56
C ASP A 43 -23.94 -1.35 35.29
N HIS A 44 -23.54 -1.34 34.02
CA HIS A 44 -22.12 -1.51 33.58
C HIS A 44 -21.24 -0.46 34.25
N SER A 45 -21.75 0.77 34.42
CA SER A 45 -21.06 1.91 35.09
C SER A 45 -20.67 1.52 36.52
N THR A 46 -21.67 1.29 37.39
CA THR A 46 -21.51 0.91 38.82
C THR A 46 -20.72 -0.39 38.93
N GLN A 47 -21.03 -1.36 38.06
CA GLN A 47 -20.47 -2.74 38.08
C GLN A 47 -18.97 -2.73 37.74
N GLY A 48 -18.54 -1.81 36.88
CA GLY A 48 -17.12 -1.61 36.51
C GLY A 48 -16.29 -1.08 37.67
N ALA A 49 -16.85 -0.14 38.43
CA ALA A 49 -16.24 0.43 39.65
C ALA A 49 -15.97 -0.69 40.66
N ARG A 50 -16.96 -1.55 40.92
CA ARG A 50 -16.91 -2.65 41.92
C ARG A 50 -15.85 -3.70 41.51
N PHE A 51 -15.58 -3.86 40.21
CA PHE A 51 -14.60 -4.84 39.68
C PHE A 51 -13.17 -4.37 39.97
N LEU A 52 -12.86 -3.09 39.69
CA LEU A 52 -11.51 -2.51 39.86
C LEU A 52 -11.22 -2.29 41.34
N ARG A 53 -12.21 -1.81 42.11
CA ARG A 53 -12.10 -1.60 43.58
C ARG A 53 -11.80 -2.94 44.26
N ASP A 54 -12.57 -3.98 43.93
CA ASP A 54 -12.39 -5.37 44.44
C ASP A 54 -10.99 -5.86 44.05
N LEU A 55 -10.59 -5.65 42.79
CA LEU A 55 -9.26 -6.06 42.25
C LEU A 55 -8.16 -5.32 43.03
N ALA A 56 -8.25 -3.98 43.09
CA ALA A 56 -7.30 -3.10 43.83
C ALA A 56 -6.98 -3.72 45.18
N GLU A 57 -8.01 -4.08 45.96
CA GLU A 57 -7.90 -4.66 47.33
C GLU A 57 -7.13 -5.98 47.28
N ASN A 58 -7.36 -6.81 46.27
CA ASN A 58 -6.58 -8.05 45.99
C ASN A 58 -5.22 -7.64 45.42
N THR A 59 -4.14 -8.33 45.81
CA THR A 59 -2.72 -8.00 45.51
C THR A 59 -2.29 -6.79 46.33
N GLY A 60 -3.12 -5.73 46.37
CA GLY A 60 -2.92 -4.54 47.22
C GLY A 60 -2.29 -3.39 46.44
N ARG A 61 -2.75 -3.18 45.20
CA ARG A 61 -2.31 -2.06 44.32
C ARG A 61 -3.46 -1.04 44.25
N ALA A 62 -3.37 0.01 45.07
CA ALA A 62 -4.42 1.04 45.29
C ALA A 62 -4.74 1.78 43.98
N GLU A 63 -3.76 1.86 43.07
CA GLU A 63 -3.85 2.60 41.77
C GLU A 63 -5.15 2.24 41.04
N TYR A 64 -5.57 0.97 41.08
CA TYR A 64 -6.82 0.47 40.43
C TYR A 64 -8.04 1.15 41.04
N GLU A 65 -8.07 1.31 42.37
CA GLU A 65 -9.17 1.97 43.10
C GLU A 65 -9.31 3.43 42.62
N LEU A 66 -8.19 4.08 42.33
CA LEU A 66 -8.14 5.42 41.69
C LEU A 66 -8.78 5.35 40.30
N LEU A 67 -8.44 4.31 39.52
CA LEU A 67 -8.89 4.11 38.11
C LEU A 67 -10.33 3.58 38.05
N SER A 68 -10.90 3.17 39.20
CA SER A 68 -12.30 2.67 39.31
C SER A 68 -13.30 3.82 39.15
N LEU A 69 -12.87 5.06 39.41
CA LEU A 69 -13.73 6.28 39.47
C LEU A 69 -14.26 6.62 38.06
N PHE A 70 -13.66 6.06 37.01
CA PHE A 70 -13.90 6.43 35.59
C PHE A 70 -15.21 5.82 35.08
N SER A 71 -15.52 4.57 35.48
CA SER A 71 -16.74 3.84 35.02
C SER A 71 -18.01 4.50 35.58
N GLU A 72 -17.90 5.26 36.67
CA GLU A 72 -19.05 5.99 37.31
C GLU A 72 -19.21 7.37 36.65
N ASN A 81 -24.55 16.52 40.89
CA ASN A 81 -23.98 17.89 40.74
C ASN A 81 -22.53 17.92 41.24
N ASP A 82 -21.74 16.88 40.93
CA ASP A 82 -20.31 16.72 41.32
C ASP A 82 -20.16 16.80 42.84
N GLU A 83 -21.24 16.58 43.60
CA GLU A 83 -21.23 16.69 45.09
C GLU A 83 -20.52 15.46 45.67
N LEU A 84 -21.11 14.26 45.47
CA LEU A 84 -20.54 12.96 45.92
C LEU A 84 -19.16 12.77 45.31
N MET A 85 -19.04 12.96 43.99
CA MET A 85 -17.80 12.74 43.20
C MET A 85 -16.59 13.37 43.91
N ILE A 86 -16.68 14.67 44.24
CA ILE A 86 -15.57 15.45 44.87
C ILE A 86 -15.20 14.80 46.21
N ARG A 87 -16.19 14.34 46.99
CA ARG A 87 -15.99 13.77 48.35
C ARG A 87 -15.40 12.36 48.22
N ARG A 88 -15.86 11.56 47.26
CA ARG A 88 -15.37 10.17 47.00
C ARG A 88 -13.90 10.23 46.55
N ILE A 89 -13.56 11.19 45.69
CA ILE A 89 -12.17 11.48 45.24
C ILE A 89 -11.34 11.90 46.45
N LYS A 90 -11.86 12.84 47.26
CA LYS A 90 -11.17 13.43 48.44
C LYS A 90 -10.78 12.30 49.41
N GLU A 91 -11.69 11.35 49.67
CA GLU A 91 -11.47 10.18 50.56
C GLU A 91 -10.22 9.42 50.08
N LEU A 92 -10.14 9.15 48.77
CA LEU A 92 -8.91 8.62 48.12
C LEU A 92 -7.87 9.74 48.08
N SER A 93 -6.76 9.57 48.79
CA SER A 93 -5.66 10.56 48.91
C SER A 93 -5.05 10.81 47.54
N PRO A 94 -5.21 12.03 46.95
CA PRO A 94 -4.60 12.33 45.67
C PRO A 94 -3.08 12.53 45.81
N GLU A 95 -2.64 12.99 46.99
CA GLU A 95 -1.23 13.25 47.35
C GLU A 95 -0.42 11.94 47.29
N ARG A 96 -1.03 10.82 47.71
CA ARG A 96 -0.43 9.46 47.75
C ARG A 96 0.15 9.09 46.38
N PHE A 97 -0.52 9.49 45.29
CA PHE A 97 -0.09 9.23 43.88
C PHE A 97 0.53 10.48 43.27
N GLY A 98 0.79 11.51 44.10
CA GLY A 98 1.34 12.81 43.67
C GLY A 98 0.46 13.47 42.61
N LEU A 99 -0.87 13.43 42.79
CA LEU A 99 -1.86 14.07 41.90
C LEU A 99 -2.65 15.12 42.70
N THR A 100 -3.07 16.20 42.04
CA THR A 100 -3.97 17.24 42.62
C THR A 100 -5.42 16.75 42.52
N MET A 101 -6.26 17.09 43.50
CA MET A 101 -7.71 16.79 43.49
C MET A 101 -8.33 17.42 42.23
N GLU A 102 -8.04 18.70 41.98
CA GLU A 102 -8.51 19.49 40.81
C GLU A 102 -8.06 18.83 39.50
N ASP A 103 -6.90 18.17 39.50
CA ASP A 103 -6.37 17.40 38.34
C ASP A 103 -7.31 16.23 38.02
N VAL A 104 -7.70 15.45 39.02
CA VAL A 104 -8.46 14.17 38.87
C VAL A 104 -9.86 14.48 38.31
N LEU A 105 -10.46 15.61 38.68
CA LEU A 105 -11.78 16.07 38.13
C LEU A 105 -11.65 16.29 36.62
N ASN A 106 -10.53 16.85 36.17
CA ASN A 106 -10.21 17.04 34.73
C ASN A 106 -10.12 15.66 34.08
N ALA A 107 -9.30 14.76 34.65
CA ALA A 107 -9.05 13.39 34.14
C ALA A 107 -10.38 12.66 33.91
N LEU A 108 -11.38 12.89 34.77
CA LEU A 108 -12.72 12.23 34.70
C LEU A 108 -13.58 12.88 33.61
N TRP A 109 -13.71 14.21 33.63
CA TRP A 109 -14.48 15.00 32.64
C TRP A 109 -13.89 14.77 31.23
N ILE A 110 -12.57 14.88 31.10
CA ILE A 110 -11.81 14.66 29.82
C ILE A 110 -12.18 13.27 29.28
N VAL A 111 -11.99 12.22 30.10
CA VAL A 111 -12.25 10.79 29.73
C VAL A 111 -13.75 10.60 29.42
N TYR A 112 -14.63 11.33 30.13
CA TYR A 112 -16.10 11.29 29.92
C TYR A 112 -16.43 11.68 28.47
N GLU A 113 -15.94 12.85 28.05
CA GLU A 113 -16.17 13.41 26.69
C GLU A 113 -15.51 12.50 25.65
N ALA A 114 -14.32 11.97 25.97
CA ALA A 114 -13.53 11.07 25.10
C ALA A 114 -14.36 9.83 24.71
N ASP A 115 -15.20 9.34 25.64
CA ASP A 115 -16.09 8.18 25.44
C ASP A 115 -17.17 8.53 24.40
N ASN A 116 -17.62 9.79 24.38
CA ASN A 116 -18.72 10.28 23.51
C ASN A 116 -18.21 10.49 22.07
N LEU A 117 -16.94 10.89 21.91
CA LEU A 117 -16.35 11.28 20.59
C LEU A 117 -16.00 10.03 19.77
N ALA A 118 -15.31 9.05 20.38
CA ALA A 118 -14.99 7.73 19.78
C ALA A 118 -16.30 7.04 19.36
N SER A 119 -17.40 7.33 20.05
CA SER A 119 -18.79 6.92 19.71
C SER A 119 -19.35 7.83 18.60
N PRO A 127 -30.78 -3.46 23.28
CA PRO A 127 -29.54 -3.80 24.01
C PRO A 127 -29.74 -4.95 25.03
N GLN A 128 -29.65 -6.19 24.54
CA GLN A 128 -29.57 -7.43 25.36
C GLN A 128 -28.09 -7.66 25.71
N ALA A 129 -27.80 -8.60 26.62
CA ALA A 129 -26.44 -8.86 27.15
C ALA A 129 -25.68 -9.81 26.22
N SER A 130 -26.36 -10.79 25.63
CA SER A 130 -25.75 -11.94 24.91
C SER A 130 -25.32 -11.55 23.48
N ARG A 131 -25.76 -10.38 22.98
CA ARG A 131 -25.50 -9.91 21.59
C ARG A 131 -24.00 -9.88 21.30
N PRO A 132 -23.53 -10.55 20.23
CA PRO A 132 -22.10 -10.60 19.90
C PRO A 132 -21.65 -9.42 19.04
N LEU A 133 -20.38 -9.43 18.61
CA LEU A 133 -19.79 -8.40 17.71
C LEU A 133 -20.14 -8.75 16.26
N TYR A 134 -20.88 -7.86 15.59
CA TYR A 134 -21.28 -7.98 14.16
C TYR A 134 -20.12 -7.47 13.29
N SER A 135 -19.72 -8.26 12.29
CA SER A 135 -18.54 -8.00 11.43
C SER A 135 -18.62 -6.59 10.82
N VAL A 136 -17.48 -5.89 10.80
CA VAL A 136 -17.28 -4.62 10.05
C VAL A 136 -17.41 -4.88 8.55
N PHE A 137 -17.07 -6.10 8.11
CA PHE A 137 -17.06 -6.51 6.68
C PHE A 137 -18.49 -6.80 6.21
N ASN A 138 -19.38 -7.21 7.12
CA ASN A 138 -20.79 -7.59 6.83
C ASN A 138 -21.61 -7.52 8.10
N PRO A 139 -22.26 -6.38 8.42
CA PRO A 139 -23.07 -6.23 9.63
C PRO A 139 -24.17 -7.29 9.82
N GLY A 140 -24.62 -7.92 8.73
CA GLY A 140 -25.64 -8.99 8.74
C GLY A 140 -25.19 -10.21 9.54
N LYS A 141 -23.90 -10.54 9.52
CA LYS A 141 -23.29 -11.71 10.21
C LYS A 141 -22.46 -11.23 11.41
N ALA A 142 -22.19 -12.11 12.37
CA ALA A 142 -21.58 -11.78 13.68
C ALA A 142 -20.51 -12.81 14.08
N TYR A 143 -19.60 -12.40 14.96
CA TYR A 143 -18.40 -13.19 15.38
C TYR A 143 -18.72 -14.03 16.61
N PRO A 144 -18.44 -15.35 16.58
CA PRO A 144 -18.61 -16.19 17.77
C PRO A 144 -17.49 -15.85 18.75
N TRP A 145 -17.83 -15.60 20.02
CA TRP A 145 -16.86 -15.24 21.08
C TRP A 145 -15.63 -16.15 21.00
N ALA A 146 -14.43 -15.56 21.00
CA ALA A 146 -13.13 -16.22 21.24
C ALA A 146 -12.07 -15.13 21.42
N GLU A 147 -11.00 -15.42 22.18
CA GLU A 147 -9.86 -14.49 22.36
C GLU A 147 -9.04 -14.47 21.06
N LEU A 148 -8.34 -13.37 20.78
CA LEU A 148 -7.46 -13.24 19.59
C LEU A 148 -6.34 -14.28 19.70
N ASP A 149 -6.34 -15.25 18.79
CA ASP A 149 -5.23 -16.23 18.72
C ASP A 149 -5.02 -16.53 17.25
N PHE A 150 -3.82 -16.24 16.73
CA PHE A 150 -3.56 -16.54 15.30
C PHE A 150 -3.57 -18.04 15.07
N GLU A 151 -3.04 -18.79 16.03
CA GLU A 151 -3.00 -20.27 15.99
C GLU A 151 -4.42 -20.88 16.08
N LYS A 152 -5.25 -20.34 16.99
CA LYS A 152 -6.57 -20.95 17.30
C LYS A 152 -7.71 -20.54 16.37
N GLU A 153 -7.67 -20.95 15.10
CA GLU A 153 -8.78 -20.84 14.10
C GLU A 153 -8.96 -19.44 13.49
N LEU A 154 -9.64 -19.41 12.35
CA LEU A 154 -9.92 -18.20 11.53
C LEU A 154 -11.25 -17.58 11.98
N PRO A 155 -11.24 -16.29 12.38
CA PRO A 155 -12.47 -15.53 12.57
C PRO A 155 -13.32 -15.53 11.29
N VAL A 156 -14.47 -16.22 11.31
CA VAL A 156 -15.43 -16.31 10.18
C VAL A 156 -16.78 -15.80 10.67
N PRO A 157 -17.20 -14.56 10.27
CA PRO A 157 -18.50 -14.04 10.69
C PRO A 157 -19.63 -14.87 10.09
N GLY A 158 -20.29 -15.68 10.92
CA GLY A 158 -21.41 -16.57 10.55
C GLY A 158 -22.73 -16.10 11.13
N ASP A 159 -23.63 -17.04 11.43
CA ASP A 159 -25.01 -16.79 11.92
C ASP A 159 -24.96 -16.15 13.31
N VAL A 160 -25.96 -15.31 13.62
CA VAL A 160 -26.08 -14.52 14.89
C VAL A 160 -26.45 -15.48 16.03
N PHE A 161 -25.51 -15.79 16.92
CA PHE A 161 -25.72 -16.60 18.15
C PHE A 161 -25.52 -15.74 19.39
N SER A 162 -26.41 -15.90 20.38
CA SER A 162 -26.23 -15.38 21.75
C SER A 162 -24.93 -15.94 22.34
N ILE A 163 -24.13 -15.10 23.00
CA ILE A 163 -22.94 -15.52 23.81
C ILE A 163 -23.42 -15.74 25.25
N ARG A 164 -23.13 -16.92 25.81
CA ARG A 164 -23.64 -17.35 27.14
C ARG A 164 -23.04 -16.47 28.24
N SER A 165 -23.76 -16.32 29.36
CA SER A 165 -23.30 -15.64 30.60
C SER A 165 -22.31 -16.54 31.36
N GLN A 166 -21.78 -17.57 30.69
CA GLN A 166 -20.65 -18.41 31.15
C GLN A 166 -19.37 -17.95 30.45
N ASP A 167 -19.41 -17.84 29.12
CA ASP A 167 -18.27 -17.44 28.25
C ASP A 167 -17.67 -16.12 28.77
N TYR A 168 -18.51 -15.19 29.22
CA TYR A 168 -18.13 -13.87 29.78
C TYR A 168 -17.51 -14.04 31.18
N ARG A 169 -18.04 -14.97 31.99
CA ARG A 169 -17.50 -15.28 33.34
C ARG A 169 -16.07 -15.82 33.21
N GLU A 170 -15.84 -16.72 32.25
CA GLU A 170 -14.51 -17.29 31.92
C GLU A 170 -13.59 -16.16 31.44
N LEU A 171 -14.11 -15.27 30.59
CA LEU A 171 -13.41 -14.06 30.08
C LEU A 171 -12.90 -13.24 31.28
N VAL A 172 -13.83 -12.76 32.13
CA VAL A 172 -13.59 -11.80 33.24
C VAL A 172 -12.54 -12.37 34.22
N LYS A 173 -12.52 -13.69 34.42
CA LYS A 173 -11.61 -14.36 35.40
C LYS A 173 -10.19 -14.40 34.83
N ARG A 174 -10.05 -14.75 33.55
CA ARG A 174 -8.76 -14.68 32.81
C ARG A 174 -8.30 -13.21 32.80
N LEU A 175 -9.22 -12.29 32.47
CA LEU A 175 -9.00 -10.82 32.41
C LEU A 175 -8.50 -10.31 33.76
N TRP A 176 -9.18 -10.68 34.86
CA TRP A 176 -8.84 -10.33 36.27
C TRP A 176 -7.45 -10.85 36.61
N GLU A 177 -7.14 -12.10 36.23
CA GLU A 177 -5.85 -12.79 36.53
C GLU A 177 -4.68 -12.06 35.84
N GLU A 178 -4.88 -11.58 34.62
CA GLU A 178 -3.85 -10.89 33.80
C GLU A 178 -3.60 -9.48 34.37
N LEU A 179 -4.67 -8.74 34.66
CA LEU A 179 -4.62 -7.35 35.20
C LEU A 179 -3.89 -7.33 36.56
N SER A 180 -4.01 -8.42 37.34
CA SER A 180 -3.34 -8.59 38.67
C SER A 180 -1.82 -8.50 38.49
N LYS A 181 -1.26 -9.24 37.53
CA LYS A 181 0.21 -9.37 37.29
C LYS A 181 0.72 -8.27 36.35
N ALA A 182 -0.19 -7.57 35.65
CA ALA A 182 0.14 -6.47 34.71
C ALA A 182 0.74 -5.29 35.48
N LYS A 183 1.58 -4.48 34.80
CA LYS A 183 2.44 -3.45 35.44
C LYS A 183 1.72 -2.09 35.48
N LEU A 184 0.50 -1.99 34.94
CA LEU A 184 -0.41 -0.82 35.05
C LEU A 184 0.06 0.36 34.17
N ARG A 185 0.97 0.13 33.22
CA ARG A 185 1.28 1.10 32.13
C ARG A 185 0.42 0.73 30.92
N SER A 186 0.02 1.73 30.12
CA SER A 186 -0.90 1.58 28.96
C SER A 186 -0.36 0.55 27.96
N ASP A 187 0.97 0.41 27.86
CA ASP A 187 1.65 -0.54 26.93
C ASP A 187 1.49 -1.97 27.43
N ARG A 188 1.29 -2.17 28.75
CA ARG A 188 1.14 -3.50 29.38
C ARG A 188 -0.34 -3.82 29.59
N LEU A 189 -1.22 -2.82 29.48
CA LEU A 189 -2.70 -2.96 29.66
C LEU A 189 -3.36 -3.23 28.31
N LEU A 190 -2.89 -2.60 27.23
CA LEU A 190 -3.45 -2.74 25.85
C LEU A 190 -3.40 -4.21 25.42
N PRO A 191 -2.25 -4.91 25.52
CA PRO A 191 -2.13 -6.27 25.02
C PRO A 191 -3.12 -7.28 25.65
N VAL A 192 -3.48 -7.10 26.92
CA VAL A 192 -4.43 -8.01 27.64
C VAL A 192 -5.87 -7.60 27.28
N LEU A 193 -6.13 -6.31 27.11
CA LEU A 193 -7.45 -5.82 26.61
C LEU A 193 -7.66 -6.28 25.16
N GLU A 194 -6.57 -6.34 24.38
CA GLU A 194 -6.61 -6.75 22.95
C GLU A 194 -6.83 -8.26 22.84
N LYS A 195 -6.16 -9.06 23.69
CA LYS A 195 -6.32 -10.53 23.77
C LYS A 195 -7.80 -10.89 23.92
N TYR A 196 -8.46 -10.31 24.93
CA TYR A 196 -9.72 -10.82 25.51
C TYR A 196 -10.94 -10.04 25.00
N LEU A 197 -10.84 -8.72 24.81
CA LEU A 197 -12.02 -7.86 24.47
C LEU A 197 -12.06 -7.51 22.98
N THR A 198 -11.26 -8.18 22.13
CA THR A 198 -11.16 -7.91 20.68
C THR A 198 -12.45 -8.35 19.96
N PHE A 199 -13.01 -9.51 20.33
CA PHE A 199 -14.23 -10.10 19.72
C PHE A 199 -15.41 -9.91 20.69
N VAL A 200 -15.63 -8.66 21.11
CA VAL A 200 -16.70 -8.25 22.06
C VAL A 200 -17.34 -6.96 21.54
N SER A 201 -18.67 -6.96 21.39
CA SER A 201 -19.48 -5.77 20.98
C SER A 201 -19.31 -4.68 22.05
N SER A 202 -18.79 -3.50 21.66
CA SER A 202 -18.59 -2.33 22.55
C SER A 202 -19.94 -1.83 23.08
N VAL A 203 -20.98 -1.93 22.24
CA VAL A 203 -22.42 -1.74 22.60
C VAL A 203 -23.19 -2.92 22.01
N THR A 204 -24.19 -3.44 22.72
CA THR A 204 -24.86 -4.74 22.42
C THR A 204 -26.04 -4.57 21.47
N SER A 205 -26.16 -3.41 20.80
CA SER A 205 -27.27 -3.12 19.85
C SER A 205 -27.13 -3.98 18.59
N GLU A 206 -28.16 -3.98 17.73
CA GLU A 206 -28.17 -4.74 16.45
C GLU A 206 -27.19 -4.07 15.48
N GLY A 207 -26.44 -4.89 14.73
CA GLY A 207 -25.48 -4.44 13.70
C GLY A 207 -24.44 -3.48 14.27
N ASN A 208 -23.97 -3.72 15.50
CA ASN A 208 -22.83 -2.98 16.11
C ASN A 208 -21.52 -3.63 15.66
N ILE A 209 -20.63 -2.81 15.10
CA ILE A 209 -19.46 -3.24 14.28
C ILE A 209 -18.16 -3.06 15.06
N ILE A 210 -18.18 -2.25 16.13
CA ILE A 210 -16.97 -1.76 16.85
C ILE A 210 -16.57 -2.76 17.94
N SER A 211 -15.38 -3.37 17.81
CA SER A 211 -14.69 -4.13 18.87
C SER A 211 -14.53 -3.21 20.09
N LEU A 212 -14.74 -3.75 21.30
CA LEU A 212 -14.59 -3.00 22.57
C LEU A 212 -13.15 -2.49 22.69
N TYR A 213 -12.16 -3.37 22.52
CA TYR A 213 -10.71 -3.02 22.55
C TYR A 213 -10.49 -1.74 21.76
N ASP A 214 -11.05 -1.67 20.55
CA ASP A 214 -10.86 -0.53 19.61
C ASP A 214 -11.52 0.72 20.18
N HIS A 215 -12.72 0.62 20.75
CA HIS A 215 -13.42 1.77 21.39
C HIS A 215 -12.60 2.24 22.60
N MET A 216 -12.02 1.29 23.35
CA MET A 216 -11.26 1.58 24.60
C MET A 216 -9.99 2.35 24.25
N ARG A 217 -9.21 1.89 23.26
CA ARG A 217 -7.92 2.51 22.85
C ARG A 217 -8.18 3.87 22.19
N MET A 218 -9.31 4.03 21.48
CA MET A 218 -9.65 5.28 20.77
C MET A 218 -10.25 6.30 21.75
N THR A 219 -10.61 5.89 22.96
CA THR A 219 -11.04 6.77 24.08
C THR A 219 -9.82 7.17 24.90
N SER A 220 -8.88 6.24 25.10
CA SER A 220 -7.53 6.50 25.67
C SER A 220 -6.78 7.51 24.77
N ALA A 221 -6.86 7.30 23.46
CA ALA A 221 -6.21 8.15 22.42
C ALA A 221 -6.75 9.57 22.49
N ILE A 222 -8.07 9.73 22.34
CA ILE A 222 -8.76 11.05 22.27
C ILE A 222 -8.60 11.79 23.60
N ALA A 223 -8.77 11.09 24.73
CA ALA A 223 -8.66 11.65 26.10
C ALA A 223 -7.29 12.31 26.27
N LEU A 224 -6.20 11.53 26.13
CA LEU A 224 -4.81 12.00 26.29
C LEU A 224 -4.58 13.24 25.41
N ALA A 225 -5.05 13.22 24.16
CA ALA A 225 -4.97 14.35 23.21
C ALA A 225 -5.49 15.62 23.91
N MET A 226 -6.71 15.56 24.46
CA MET A 226 -7.42 16.69 25.10
C MET A 226 -6.57 17.24 26.25
N LEU A 227 -5.95 16.36 27.06
CA LEU A 227 -5.02 16.74 28.15
C LEU A 227 -3.84 17.52 27.55
N ARG A 228 -3.12 16.91 26.59
CA ARG A 228 -1.93 17.50 25.93
C ARG A 228 -2.30 18.82 25.25
N ALA A 229 -3.55 18.95 24.78
CA ALA A 229 -4.12 20.16 24.16
C ALA A 229 -4.34 21.25 25.23
N GLY A 230 -4.32 20.87 26.51
CA GLY A 230 -4.32 21.79 27.67
C GLY A 230 -5.72 22.24 28.06
N CYS A 231 -6.76 21.72 27.41
CA CYS A 231 -8.18 22.11 27.65
C CYS A 231 -8.72 21.32 28.85
N THR A 232 -9.51 21.98 29.70
CA THR A 232 -9.88 21.53 31.06
C THR A 232 -11.16 22.22 31.54
N ALA A 233 -11.94 21.54 32.39
CA ALA A 233 -13.20 22.04 32.99
C ALA A 233 -14.13 22.55 31.86
N GLU A 234 -14.30 21.73 30.81
CA GLU A 234 -15.06 22.09 29.59
C GLU A 234 -16.27 21.16 29.43
N ASP A 235 -17.39 21.53 30.05
CA ASP A 235 -18.71 20.85 29.94
C ASP A 235 -19.71 21.82 29.30
N GLY A 239 -18.55 23.37 25.05
CA GLY A 239 -17.63 22.53 24.26
C GLY A 239 -16.46 23.33 23.71
N ARG A 240 -15.39 23.47 24.50
CA ARG A 240 -14.15 24.21 24.15
C ARG A 240 -13.19 23.27 23.41
N CYS A 241 -13.14 21.99 23.81
CA CYS A 241 -12.38 20.91 23.13
C CYS A 241 -13.26 20.30 22.02
N ARG A 242 -14.58 20.25 22.26
CA ARG A 242 -15.57 19.55 21.40
C ARG A 242 -15.79 20.33 20.09
N LYS A 243 -16.04 21.65 20.17
CA LYS A 243 -16.42 22.51 19.02
C LYS A 243 -15.26 23.42 18.61
N GLU A 244 -14.02 23.00 18.91
CA GLU A 244 -12.77 23.74 18.59
C GLU A 244 -11.71 22.73 18.15
N LYS A 245 -10.86 23.11 17.18
CA LYS A 245 -9.87 22.21 16.54
C LYS A 245 -8.69 22.00 17.50
N ARG A 246 -8.91 21.26 18.59
CA ARG A 246 -7.91 20.99 19.66
C ARG A 246 -7.23 19.63 19.42
N PHE A 247 -7.52 18.97 18.29
CA PHE A 247 -6.92 17.68 17.87
C PHE A 247 -6.12 17.87 16.58
N LEU A 248 -5.23 16.91 16.30
CA LEU A 248 -4.53 16.76 14.99
C LEU A 248 -4.71 15.32 14.50
N LEU A 249 -5.20 15.15 13.26
CA LEU A 249 -5.09 13.87 12.50
C LEU A 249 -3.72 13.87 11.80
N ILE A 250 -2.84 12.93 12.17
CA ILE A 250 -1.49 12.76 11.56
C ILE A 250 -1.51 11.48 10.73
N GLU A 251 -1.55 11.61 9.40
CA GLU A 251 -1.43 10.46 8.45
C GLU A 251 -0.03 10.49 7.83
N GLY A 252 0.70 9.36 7.93
CA GLY A 252 2.03 9.18 7.32
C GLY A 252 2.05 8.00 6.36
N ASP A 253 2.43 8.27 5.10
CA ASP A 253 2.43 7.28 3.99
C ASP A 253 3.77 7.33 3.26
N PHE A 254 4.49 6.21 3.23
CA PHE A 254 5.72 5.99 2.41
C PHE A 254 5.30 5.89 0.94
N SER A 255 6.17 6.34 0.03
CA SER A 255 5.96 6.25 -1.44
C SER A 255 7.22 5.69 -2.11
N GLY A 256 7.04 5.03 -3.26
CA GLY A 256 8.12 4.35 -4.01
C GLY A 256 8.57 3.09 -3.29
N ILE A 257 7.69 2.46 -2.51
CA ILE A 257 7.99 1.23 -1.72
C ILE A 257 8.41 0.12 -2.69
N GLN A 258 7.72 0.01 -3.84
CA GLN A 258 7.96 -1.06 -4.85
C GLN A 258 9.43 -1.01 -5.28
N ASP A 259 9.96 0.19 -5.51
CA ASP A 259 11.35 0.42 -6.02
C ASP A 259 12.35 0.06 -4.91
N PHE A 260 12.08 0.49 -3.68
CA PHE A 260 12.94 0.23 -2.48
C PHE A 260 13.16 -1.27 -2.31
N ILE A 261 12.09 -2.08 -2.43
CA ILE A 261 12.11 -3.54 -2.14
C ILE A 261 12.61 -4.30 -3.37
N TYR A 262 11.80 -4.33 -4.42
CA TYR A 262 12.01 -5.18 -5.62
C TYR A 262 12.90 -4.61 -6.73
N ARG A 263 13.59 -3.48 -6.55
CA ARG A 263 14.43 -3.05 -7.69
C ARG A 263 15.83 -2.67 -7.18
N VAL A 264 16.60 -3.64 -6.71
CA VAL A 264 17.96 -3.35 -6.20
C VAL A 264 18.90 -4.49 -6.61
N SER A 265 20.12 -4.16 -7.07
CA SER A 265 21.13 -5.18 -7.48
C SER A 265 20.52 -6.17 -8.47
N THR A 269 18.58 -12.03 -4.55
CA THR A 269 18.41 -13.14 -3.58
C THR A 269 17.19 -12.89 -2.70
N LEU A 270 16.50 -13.96 -2.29
CA LEU A 270 15.23 -13.91 -1.52
C LEU A 270 15.53 -13.51 -0.07
N LYS A 271 16.55 -14.10 0.56
CA LYS A 271 17.04 -13.75 1.92
C LYS A 271 17.09 -12.22 2.07
N TYR A 272 17.75 -11.55 1.12
CA TYR A 272 18.02 -10.09 1.12
C TYR A 272 16.71 -9.31 0.93
N LEU A 273 15.93 -9.71 -0.07
CA LEU A 273 14.65 -9.07 -0.48
C LEU A 273 13.61 -9.17 0.65
N ARG A 274 13.70 -10.21 1.48
CA ARG A 274 12.87 -10.36 2.70
C ARG A 274 13.26 -9.28 3.72
N ALA A 275 14.56 -9.11 3.97
CA ALA A 275 15.13 -8.14 4.94
C ALA A 275 14.76 -6.71 4.54
N ARG A 276 14.75 -6.40 3.24
CA ARG A 276 14.34 -5.06 2.71
C ARG A 276 12.92 -4.75 3.21
N SER A 277 12.01 -5.71 3.09
CA SER A 277 10.59 -5.61 3.53
C SER A 277 10.51 -5.47 5.05
N ALA A 278 11.41 -6.12 5.79
CA ALA A 278 11.48 -6.10 7.26
C ALA A 278 12.07 -4.76 7.73
N TYR A 279 13.07 -4.24 7.00
CA TYR A 279 13.73 -2.94 7.29
C TYR A 279 12.69 -1.82 7.19
N LEU A 280 11.80 -1.89 6.18
CA LEU A 280 10.72 -0.91 5.94
C LEU A 280 9.75 -0.89 7.13
N GLU A 281 9.50 -2.05 7.76
CA GLU A 281 8.62 -2.18 8.95
C GLU A 281 9.25 -1.42 10.13
N LEU A 282 10.53 -1.67 10.43
CA LEU A 282 11.27 -1.05 11.56
C LEU A 282 11.36 0.47 11.34
N ILE A 283 11.74 0.91 10.14
CA ILE A 283 11.87 2.34 9.76
C ILE A 283 10.56 3.05 10.12
N GLY A 284 9.43 2.52 9.63
CA GLY A 284 8.06 3.03 9.89
C GLY A 284 7.78 3.12 11.39
N TRP A 285 8.11 2.07 12.14
CA TRP A 285 7.95 2.03 13.62
C TRP A 285 8.84 3.10 14.26
N ASP A 286 10.09 3.23 13.80
CA ASP A 286 11.08 4.21 14.32
C ASP A 286 10.47 5.61 14.24
N VAL A 287 9.75 5.92 13.15
CA VAL A 287 9.09 7.24 12.92
C VAL A 287 7.88 7.35 13.87
N VAL A 288 6.97 6.37 13.85
CA VAL A 288 5.70 6.38 14.64
C VAL A 288 6.04 6.55 16.13
N LEU A 289 6.89 5.67 16.68
CA LEU A 289 7.28 5.67 18.10
C LEU A 289 7.93 7.02 18.47
N GLU A 290 8.79 7.54 17.60
CA GLU A 290 9.41 8.89 17.76
C GLU A 290 8.30 9.93 17.90
N ILE A 291 7.30 9.90 17.00
CA ILE A 291 6.17 10.87 16.98
C ILE A 291 5.43 10.79 18.32
N LEU A 292 5.14 9.58 18.80
CA LEU A 292 4.43 9.34 20.08
C LEU A 292 5.30 9.85 21.24
N SER A 293 6.60 9.51 21.21
CA SER A 293 7.61 9.88 22.25
C SER A 293 7.65 11.41 22.40
N ARG A 294 7.79 12.15 21.30
CA ARG A 294 8.05 13.62 21.29
C ARG A 294 6.75 14.41 21.53
N LEU A 295 5.59 13.82 21.24
CA LEU A 295 4.26 14.43 21.54
C LEU A 295 3.72 13.88 22.87
N GLY A 296 4.49 13.02 23.55
CA GLY A 296 4.16 12.44 24.86
C GLY A 296 2.84 11.68 24.83
N LEU A 297 2.58 10.97 23.72
CA LEU A 297 1.35 10.15 23.51
C LEU A 297 1.70 8.67 23.69
N THR A 298 0.66 7.82 23.77
CA THR A 298 0.76 6.34 23.95
C THR A 298 0.37 5.64 22.65
N ARG A 299 0.67 4.34 22.54
CA ARG A 299 0.43 3.51 21.32
C ARG A 299 -1.07 3.45 21.00
N ALA A 300 -1.93 3.71 21.97
CA ALA A 300 -3.40 3.84 21.78
C ALA A 300 -3.69 4.90 20.70
N ASN A 301 -2.83 5.91 20.59
CA ASN A 301 -2.97 7.06 19.65
C ASN A 301 -2.65 6.61 18.21
N VAL A 302 -2.11 5.40 18.02
CA VAL A 302 -1.86 4.82 16.67
C VAL A 302 -3.15 4.18 16.17
N VAL A 303 -4.00 4.97 15.52
CA VAL A 303 -5.31 4.53 14.93
C VAL A 303 -5.06 3.26 14.11
N PHE A 304 -3.99 3.25 13.30
CA PHE A 304 -3.54 2.08 12.50
C PHE A 304 -2.11 2.31 12.01
N ASN A 305 -1.42 1.23 11.65
CA ASN A 305 -0.06 1.28 11.07
C ASN A 305 0.12 0.07 10.17
N ALA A 306 -0.49 0.04 8.99
CA ALA A 306 -0.41 -1.17 8.14
C ALA A 306 0.10 -0.89 6.74
N GLY A 307 0.96 -1.76 6.24
CA GLY A 307 1.44 -1.68 4.85
C GLY A 307 2.02 -0.33 4.50
N GLY A 308 2.82 0.25 5.39
CA GLY A 308 3.49 1.54 5.11
C GLY A 308 2.58 2.74 5.26
N HIS A 309 1.40 2.55 5.83
CA HIS A 309 0.44 3.66 6.01
C HIS A 309 0.10 3.74 7.49
N PHE A 310 0.27 4.90 8.11
CA PHE A 310 -0.08 5.02 9.55
C PHE A 310 -0.87 6.30 9.80
N MET A 311 -1.72 6.27 10.82
CA MET A 311 -2.52 7.42 11.30
C MET A 311 -2.42 7.50 12.82
N ILE A 312 -2.25 8.72 13.35
CA ILE A 312 -2.18 9.03 14.81
C ILE A 312 -3.10 10.21 15.09
N ILE A 313 -3.87 10.16 16.18
CA ILE A 313 -4.62 11.32 16.74
C ILE A 313 -3.73 11.95 17.83
N ALA A 314 -3.68 13.29 17.88
CA ALA A 314 -2.78 14.06 18.77
C ALA A 314 -3.37 15.42 19.11
N GLN A 315 -2.76 16.10 20.09
CA GLN A 315 -3.02 17.50 20.50
C GLN A 315 -2.65 18.44 19.35
N ASN A 316 -3.19 19.67 19.36
CA ASN A 316 -2.93 20.73 18.34
C ASN A 316 -2.23 21.92 19.02
N THR A 317 -1.34 21.66 19.99
CA THR A 317 -0.47 22.69 20.60
C THR A 317 0.56 23.13 19.56
N PRO A 318 0.85 24.44 19.43
CA PRO A 318 2.04 24.90 18.71
C PRO A 318 3.31 24.07 19.00
N ASP A 319 3.47 23.62 20.25
CA ASP A 319 4.58 22.72 20.70
C ASP A 319 4.59 21.44 19.86
N ALA A 320 3.42 20.95 19.45
CA ALA A 320 3.23 19.70 18.68
C ALA A 320 3.64 19.91 17.22
N VAL A 321 2.94 20.79 16.49
CA VAL A 321 3.17 21.06 15.03
C VAL A 321 4.67 21.35 14.82
N LYS A 322 5.31 22.05 15.75
CA LYS A 322 6.77 22.32 15.76
C LYS A 322 7.52 20.98 15.82
N GLU A 323 7.17 20.13 16.79
CA GLU A 323 7.82 18.81 17.03
C GLU A 323 7.54 17.86 15.85
N LEU A 324 6.46 18.07 15.10
CA LEU A 324 6.12 17.29 13.87
C LEU A 324 6.97 17.77 12.70
N GLU A 325 7.06 19.10 12.50
CA GLU A 325 7.87 19.74 11.45
C GLU A 325 9.35 19.35 11.63
N GLU A 326 9.83 19.33 12.87
CA GLU A 326 11.22 18.91 13.22
C GLU A 326 11.40 17.43 12.83
N ILE A 327 10.48 16.56 13.25
CA ILE A 327 10.54 15.08 13.02
C ILE A 327 10.47 14.80 11.52
N ARG A 328 9.41 15.26 10.84
CA ARG A 328 9.15 15.05 9.39
C ARG A 328 10.44 15.33 8.61
N ALA A 329 11.10 16.45 8.91
CA ALA A 329 12.33 16.93 8.24
C ALA A 329 13.48 15.94 8.46
N LYS A 330 13.80 15.65 9.73
CA LYS A 330 14.97 14.81 10.13
C LYS A 330 14.81 13.38 9.58
N ALA A 331 13.58 12.93 9.36
CA ALA A 331 13.26 11.61 8.77
C ALA A 331 13.63 11.61 7.29
N VAL A 332 13.04 12.52 6.52
CA VAL A 332 13.20 12.67 5.04
C VAL A 332 14.69 12.83 4.72
N GLU A 333 15.37 13.78 5.37
CA GLU A 333 16.83 14.03 5.22
C GLU A 333 17.57 12.70 5.33
N TRP A 334 17.26 11.89 6.34
CA TRP A 334 17.90 10.57 6.60
C TRP A 334 17.53 9.59 5.48
N LEU A 335 16.25 9.51 5.12
CA LEU A 335 15.73 8.62 4.04
C LEU A 335 16.38 8.99 2.70
N TYR A 336 16.68 10.28 2.49
CA TYR A 336 17.35 10.81 1.28
C TYR A 336 18.82 10.38 1.29
N ARG A 337 19.53 10.72 2.37
CA ARG A 337 20.97 10.37 2.57
C ARG A 337 21.16 8.86 2.36
N GLU A 338 20.34 8.07 3.04
CA GLU A 338 20.42 6.58 3.05
C GLU A 338 20.07 5.92 1.71
N PHE A 339 19.00 6.33 1.02
CA PHE A 339 18.60 5.57 -0.19
C PHE A 339 18.57 6.42 -1.46
N GLU A 340 18.94 7.69 -1.39
CA GLU A 340 19.05 8.59 -2.58
C GLU A 340 17.78 8.60 -3.46
N SER A 341 16.63 8.93 -2.86
CA SER A 341 15.30 9.16 -3.50
C SER A 341 14.52 7.89 -3.84
N ASP A 342 15.04 6.70 -3.55
CA ASP A 342 14.20 5.52 -3.87
C ASP A 342 12.97 5.52 -2.97
N LEU A 343 13.19 5.81 -1.69
CA LEU A 343 12.14 5.74 -0.63
C LEU A 343 11.94 7.12 0.00
N TYR A 344 10.70 7.63 -0.05
CA TYR A 344 10.27 8.92 0.55
C TYR A 344 9.14 8.66 1.54
N LEU A 345 9.08 9.44 2.62
CA LEU A 345 8.00 9.41 3.64
C LEU A 345 7.20 10.72 3.57
N ALA A 346 5.98 10.66 3.02
CA ALA A 346 5.04 11.80 2.95
C ALA A 346 4.22 11.85 4.25
N ILE A 347 4.54 12.78 5.15
CA ILE A 347 3.79 13.04 6.41
C ILE A 347 3.03 14.37 6.28
N GLU A 348 1.76 14.37 6.65
CA GLU A 348 0.89 15.57 6.74
C GLU A 348 -0.03 15.42 7.96
N TRP A 349 -0.52 16.55 8.49
CA TRP A 349 -1.47 16.60 9.63
C TRP A 349 -2.50 17.71 9.37
N GLU A 350 -3.69 17.58 9.94
CA GLU A 350 -4.81 18.55 9.77
C GLU A 350 -5.41 18.90 11.13
N PRO A 351 -5.63 20.19 11.44
CA PRO A 351 -6.32 20.58 12.67
C PRO A 351 -7.79 20.14 12.58
N VAL A 352 -8.24 19.34 13.54
CA VAL A 352 -9.59 18.69 13.58
C VAL A 352 -10.18 18.87 14.98
N SER A 353 -11.52 19.01 15.04
CA SER A 353 -12.30 19.25 16.29
C SER A 353 -13.08 17.98 16.68
N GLY A 354 -13.54 17.92 17.93
CA GLY A 354 -14.40 16.84 18.46
C GLY A 354 -15.60 16.58 17.56
N ARG A 355 -16.28 17.64 17.10
CA ARG A 355 -17.39 17.58 16.12
C ARG A 355 -17.09 16.52 15.05
N GLU A 356 -15.88 16.56 14.49
CA GLU A 356 -15.50 15.89 13.21
C GLU A 356 -15.19 14.40 13.42
N PHE A 357 -15.02 13.94 14.67
CA PHE A 357 -14.81 12.50 15.01
C PHE A 357 -16.12 11.73 14.87
N GLY A 358 -17.25 12.42 14.68
CA GLY A 358 -18.60 11.82 14.57
C GLY A 358 -19.36 12.33 13.36
N ARG A 359 -20.65 12.00 13.28
CA ARG A 359 -21.53 12.31 12.13
C ARG A 359 -22.51 13.42 12.53
N GLU A 360 -22.84 14.32 11.59
CA GLU A 360 -23.88 15.37 11.72
C GLU A 360 -24.72 15.40 10.44
N GLY A 361 -25.87 14.71 10.43
CA GLY A 361 -26.77 14.60 9.27
C GLY A 361 -26.33 13.50 8.32
N ASN A 364 -21.23 12.54 7.24
CA ASN A 364 -20.07 11.87 7.87
C ASN A 364 -18.85 12.79 7.81
N LEU A 365 -18.68 13.65 8.81
CA LEU A 365 -17.57 14.64 8.91
C LEU A 365 -16.22 13.90 8.89
N PHE A 366 -16.07 12.85 9.70
CA PHE A 366 -14.79 12.12 9.92
C PHE A 366 -14.15 11.79 8.56
N ALA A 367 -14.86 11.04 7.72
CA ALA A 367 -14.44 10.67 6.35
C ALA A 367 -14.00 11.92 5.59
N GLU A 368 -14.76 13.02 5.72
CA GLU A 368 -14.51 14.29 4.98
C GLU A 368 -13.29 15.00 5.56
N ALA A 369 -12.98 14.79 6.85
CA ALA A 369 -11.75 15.30 7.50
C ALA A 369 -10.55 14.45 7.05
N ARG A 370 -10.79 13.16 6.78
CA ARG A 370 -9.78 12.22 6.24
C ARG A 370 -9.47 12.56 4.78
N LYS A 371 -10.51 12.93 4.01
CA LYS A 371 -10.38 13.27 2.57
C LYS A 371 -9.48 14.52 2.41
N ARG A 372 -9.73 15.55 3.20
CA ARG A 372 -8.95 16.83 3.20
C ARG A 372 -7.50 16.57 3.63
N LEU A 373 -7.28 15.54 4.46
CA LEU A 373 -5.92 15.08 4.87
C LEU A 373 -5.28 14.27 3.74
N LYS A 374 -6.06 13.40 3.09
CA LYS A 374 -5.59 12.58 1.93
C LYS A 374 -5.05 13.53 0.85
N HIS A 375 -5.88 14.48 0.41
CA HIS A 375 -5.53 15.51 -0.61
C HIS A 375 -4.22 16.20 -0.23
N LYS A 376 -4.04 16.55 1.05
CA LYS A 376 -2.80 17.16 1.58
C LYS A 376 -1.61 16.24 1.24
N LEU A 377 -1.77 14.93 1.47
CA LEU A 377 -0.70 13.91 1.27
C LEU A 377 -0.37 13.79 -0.22
N THR A 378 -1.37 13.57 -1.07
CA THR A 378 -1.20 13.48 -2.55
C THR A 378 -0.34 14.67 -3.01
N VAL A 379 -0.67 15.88 -2.58
CA VAL A 379 0.07 17.13 -2.89
C VAL A 379 1.53 16.97 -2.44
N ARG A 380 1.75 16.47 -1.22
CA ARG A 380 3.11 16.32 -0.64
C ARG A 380 3.91 15.29 -1.46
N LYS A 381 3.26 14.27 -2.01
CA LYS A 381 3.91 13.20 -2.81
C LYS A 381 4.35 13.73 -4.19
N LEU A 382 3.81 14.87 -4.63
CA LEU A 382 4.24 15.60 -5.85
C LEU A 382 5.28 16.67 -5.46
N LYS A 383 5.81 16.60 -4.24
CA LYS A 383 6.85 17.53 -3.70
C LYS A 383 7.88 16.71 -2.92
N ARG A 384 8.23 15.53 -3.43
CA ARG A 384 9.14 14.55 -2.76
C ARG A 384 10.48 15.23 -2.45
N PHE A 385 10.82 15.31 -1.17
CA PHE A 385 12.12 15.81 -0.63
C PHE A 385 12.17 17.35 -0.69
N GLY A 386 11.01 18.01 -0.79
CA GLY A 386 10.89 19.48 -0.70
C GLY A 386 11.45 20.00 0.62
N GLU A 387 11.57 19.12 1.63
CA GLU A 387 12.07 19.42 2.99
C GLU A 387 13.61 19.48 3.00
N ILE A 388 14.24 19.43 1.82
CA ILE A 388 15.71 19.56 1.61
C ILE A 388 15.94 20.70 0.61
N LYS A 389 16.40 21.87 1.09
CA LYS A 389 16.65 23.07 0.24
C LYS A 389 17.86 22.83 -0.66
N GLY A 390 18.81 22.00 -0.23
CA GLY A 390 20.04 21.65 -0.97
C GLY A 390 19.81 20.55 -2.00
N LEU A 391 18.55 20.21 -2.30
CA LEU A 391 18.17 19.17 -3.29
C LEU A 391 18.49 19.65 -4.71
N PHE A 392 18.49 20.97 -4.93
CA PHE A 392 18.65 21.61 -6.26
C PHE A 392 19.94 22.45 -6.29
N GLU A 393 21.07 21.80 -5.96
CA GLU A 393 22.43 22.41 -5.95
C GLU A 393 23.46 21.33 -6.27
N CYS A 430 24.34 -2.85 3.20
CA CYS A 430 24.18 -4.07 2.35
C CYS A 430 25.00 -5.25 2.88
N ASN A 431 25.74 -5.09 3.99
CA ASN A 431 26.34 -6.18 4.80
C ASN A 431 25.50 -6.39 6.06
N ARG A 432 24.87 -5.33 6.56
CA ARG A 432 24.02 -5.31 7.80
C ARG A 432 22.64 -5.90 7.50
N LEU A 433 22.26 -5.99 6.21
CA LEU A 433 20.97 -6.57 5.74
C LEU A 433 21.18 -8.03 5.31
N VAL A 434 22.44 -8.45 5.10
CA VAL A 434 22.83 -9.85 4.80
C VAL A 434 22.91 -10.63 6.13
N SER A 435 23.43 -9.98 7.18
CA SER A 435 23.53 -10.52 8.56
C SER A 435 22.21 -10.32 9.32
N LEU A 436 21.26 -9.57 8.74
CA LEU A 436 19.86 -9.43 9.26
C LEU A 436 18.94 -10.40 8.49
N GLY A 437 19.28 -10.71 7.23
CA GLY A 437 18.65 -11.79 6.44
C GLY A 437 19.22 -13.15 6.80
N PRO A 441 16.20 -16.10 11.58
CA PRO A 441 15.34 -17.20 12.10
C PRO A 441 15.04 -17.21 13.62
N LYS A 442 16.05 -16.94 14.47
CA LYS A 442 16.09 -17.35 15.90
C LYS A 442 15.72 -16.20 16.86
N LEU A 443 15.44 -14.99 16.35
CA LEU A 443 15.22 -13.77 17.18
C LEU A 443 13.75 -13.66 17.61
N LEU A 444 13.49 -12.96 18.72
CA LEU A 444 12.14 -12.74 19.30
C LEU A 444 11.63 -11.33 18.97
N GLY A 445 12.54 -10.36 18.77
CA GLY A 445 12.18 -8.96 18.52
C GLY A 445 13.41 -8.08 18.29
N PHE A 446 13.26 -6.76 18.49
CA PHE A 446 14.34 -5.75 18.35
C PHE A 446 14.26 -4.71 19.47
N GLY A 447 15.43 -4.21 19.88
CA GLY A 447 15.57 -3.12 20.88
C GLY A 447 15.79 -1.78 20.22
N ARG A 448 14.86 -0.85 20.42
CA ARG A 448 14.96 0.56 19.92
C ARG A 448 15.84 1.35 20.88
N THR A 449 17.14 1.44 20.57
CA THR A 449 18.19 2.15 21.35
C THR A 449 18.66 3.39 20.59
N ALA A 450 19.58 4.16 21.18
CA ALA A 450 20.40 5.17 20.48
C ALA A 450 21.18 4.47 19.36
N LYS A 451 21.65 5.24 18.37
CA LYS A 451 22.43 4.72 17.21
C LYS A 451 23.79 4.23 17.70
N ASN A 452 24.58 5.12 18.32
CA ASN A 452 25.89 4.80 18.94
C ASN A 452 25.65 3.87 20.14
N ASP A 453 25.41 2.58 19.87
CA ASP A 453 25.23 1.52 20.90
C ASP A 453 25.80 0.21 20.35
N ALA A 454 26.44 -0.58 21.21
CA ALA A 454 27.01 -1.91 20.87
C ALA A 454 25.88 -2.85 20.42
N GLY A 455 26.10 -3.60 19.34
CA GLY A 455 25.21 -4.69 18.88
C GLY A 455 24.16 -4.22 17.89
N VAL A 456 24.00 -2.91 17.69
CA VAL A 456 23.00 -2.31 16.74
C VAL A 456 23.24 -2.89 15.36
N LEU A 457 22.28 -3.69 14.85
CA LEU A 457 22.41 -4.46 13.58
C LEU A 457 21.87 -3.64 12.39
N VAL A 458 20.86 -2.79 12.62
CA VAL A 458 20.32 -1.84 11.60
C VAL A 458 19.89 -0.55 12.30
N GLU A 459 19.84 0.55 11.54
CA GLU A 459 19.53 1.91 12.05
C GLU A 459 18.44 2.56 11.20
N GLY A 460 17.48 3.22 11.86
CA GLY A 460 16.43 4.05 11.23
C GLY A 460 16.72 5.53 11.43
N PRO A 461 15.82 6.44 10.99
CA PRO A 461 16.05 7.88 11.09
C PRO A 461 16.42 8.39 12.49
N PHE A 462 15.85 7.82 13.55
CA PHE A 462 15.90 8.35 14.93
C PHE A 462 16.60 7.40 15.91
N SER A 463 16.73 6.11 15.58
CA SER A 463 17.15 5.07 16.57
C SER A 463 17.80 3.87 15.86
N GLY A 464 18.81 3.29 16.51
CA GLY A 464 19.36 1.95 16.16
C GLY A 464 18.43 0.85 16.64
N PHE A 465 18.49 -0.31 15.99
CA PHE A 465 17.67 -1.51 16.33
C PHE A 465 18.61 -2.67 16.67
N VAL A 466 18.62 -3.07 17.95
CA VAL A 466 19.49 -4.15 18.51
C VAL A 466 18.69 -5.46 18.49
N PRO A 467 19.12 -6.49 17.73
CA PRO A 467 18.39 -7.75 17.65
C PRO A 467 18.31 -8.41 19.04
N TYR A 468 17.12 -8.89 19.40
CA TYR A 468 16.78 -9.51 20.72
C TYR A 468 16.54 -11.00 20.51
N LEU A 469 17.50 -11.83 20.92
CA LEU A 469 17.50 -13.31 20.71
C LEU A 469 16.86 -14.00 21.91
N GLN A 470 16.65 -15.33 21.80
CA GLN A 470 15.95 -16.17 22.81
C GLN A 470 16.72 -16.13 24.14
N GLY A 471 18.02 -16.48 24.10
CA GLY A 471 18.88 -16.59 25.30
C GLY A 471 19.41 -15.25 25.78
N GLY A 472 19.27 -14.19 24.97
CA GLY A 472 19.86 -12.86 25.22
C GLY A 472 18.97 -11.98 26.08
N ARG A 473 19.45 -10.76 26.39
CA ARG A 473 18.71 -9.72 27.16
C ARG A 473 18.25 -8.62 26.21
N PRO A 474 17.02 -8.07 26.39
CA PRO A 474 16.54 -6.95 25.58
C PRO A 474 17.19 -5.63 26.03
N VAL A 475 17.52 -4.76 25.07
CA VAL A 475 18.24 -3.47 25.29
C VAL A 475 17.47 -2.35 24.59
N GLY A 476 17.08 -1.31 25.33
CA GLY A 476 16.54 -0.05 24.76
C GLY A 476 15.29 0.43 25.47
N GLU A 477 15.06 1.75 25.43
CA GLU A 477 13.90 2.46 26.06
C GLU A 477 12.58 1.81 25.59
N GLN A 478 12.52 1.35 24.33
CA GLN A 478 11.39 0.57 23.76
C GLN A 478 11.92 -0.77 23.21
N ILE A 479 11.16 -1.85 23.42
CA ILE A 479 11.43 -3.21 22.87
C ILE A 479 10.28 -3.59 21.93
N LEU A 480 10.58 -3.95 20.68
CA LEU A 480 9.61 -4.44 19.67
C LEU A 480 9.66 -5.98 19.65
N VAL A 481 8.58 -6.64 20.09
CA VAL A 481 8.52 -8.12 20.26
C VAL A 481 7.54 -8.70 19.22
N LYS A 482 7.97 -9.76 18.52
CA LYS A 482 7.34 -10.27 17.28
C LYS A 482 6.32 -11.37 17.59
N ASN A 483 5.09 -11.22 17.06
CA ASN A 483 4.04 -12.25 16.92
C ASN A 483 3.61 -12.82 18.29
N THR A 484 3.45 -11.94 19.29
CA THR A 484 2.81 -12.24 20.60
C THR A 484 2.16 -10.98 21.16
N LEU A 485 1.23 -11.13 22.11
CA LEU A 485 0.62 -10.03 22.89
C LEU A 485 1.02 -10.17 24.37
N ASN A 486 2.05 -10.98 24.65
CA ASN A 486 2.57 -11.23 26.02
C ASN A 486 4.01 -10.75 26.09
N PRO A 487 4.32 -9.74 26.94
CA PRO A 487 5.67 -9.21 27.06
C PRO A 487 6.77 -10.27 27.18
N GLY A 488 6.51 -11.34 27.94
CA GLY A 488 7.52 -12.35 28.30
C GLY A 488 8.51 -11.79 29.29
N GLU A 489 9.72 -12.34 29.34
CA GLU A 489 10.80 -11.93 30.28
C GLU A 489 11.55 -10.73 29.69
N ILE A 490 11.01 -9.53 29.90
CA ILE A 490 11.62 -8.22 29.52
C ILE A 490 11.58 -7.31 30.75
N PRO A 491 12.43 -6.27 30.84
CA PRO A 491 12.50 -5.48 32.07
C PRO A 491 11.24 -4.64 32.28
N GLU A 492 10.91 -4.39 33.56
CA GLU A 492 9.64 -3.77 34.02
C GLU A 492 9.56 -2.32 33.52
N SER A 493 10.71 -1.69 33.27
CA SER A 493 10.83 -0.27 32.84
C SER A 493 10.64 -0.14 31.33
N ALA A 494 10.99 -1.18 30.56
CA ALA A 494 10.95 -1.19 29.08
C ALA A 494 9.50 -1.13 28.59
N GLN A 495 9.22 -0.26 27.61
CA GLN A 495 7.90 -0.14 26.93
C GLN A 495 7.71 -1.36 26.01
N PHE A 496 6.61 -2.09 26.19
CA PHE A 496 6.23 -3.27 25.37
C PHE A 496 5.48 -2.79 24.12
N VAL A 497 6.14 -2.93 22.96
CA VAL A 497 5.56 -2.64 21.61
C VAL A 497 5.43 -3.97 20.86
N PRO A 498 4.23 -4.60 20.85
CA PRO A 498 4.03 -5.81 20.06
C PRO A 498 3.89 -5.42 18.58
N TYR A 499 4.43 -6.25 17.68
CA TYR A 499 4.25 -6.14 16.22
C TYR A 499 4.06 -7.54 15.64
N PHE A 500 3.07 -7.70 14.75
CA PHE A 500 2.80 -8.94 14.00
C PHE A 500 3.35 -8.78 12.58
N VAL A 501 3.91 -9.85 12.01
CA VAL A 501 4.36 -9.90 10.59
C VAL A 501 4.20 -11.32 10.05
N ALA A 502 3.63 -11.44 8.86
CA ALA A 502 3.59 -12.69 8.06
C ALA A 502 4.98 -12.93 7.49
N ASP A 503 5.70 -13.92 8.03
CA ASP A 503 7.09 -14.26 7.61
C ASP A 503 7.23 -15.77 7.44
N TYR A 504 6.16 -16.49 7.07
CA TYR A 504 6.23 -17.92 6.75
C TYR A 504 7.34 -18.14 5.71
N PHE A 505 8.12 -19.22 5.86
CA PHE A 505 9.20 -19.60 4.92
C PHE A 505 9.47 -21.11 5.00
N LYS A 506 9.63 -21.76 3.85
CA LYS A 506 10.06 -23.18 3.74
C LYS A 506 11.54 -23.27 4.13
N LYS A 507 11.82 -23.93 5.26
CA LYS A 507 13.20 -24.14 5.77
C LYS A 507 13.94 -25.07 4.80
N ASP A 508 15.22 -24.77 4.53
CA ASP A 508 16.15 -25.59 3.71
C ASP A 508 16.56 -26.82 4.52
N PRO A 509 17.32 -27.77 3.92
CA PRO A 509 18.11 -28.72 4.70
C PRO A 509 18.97 -28.03 5.76
N LYS A 510 19.51 -26.85 5.42
CA LYS A 510 20.16 -25.90 6.36
C LYS A 510 19.07 -25.04 7.00
N GLY A 511 19.30 -24.54 8.21
CA GLY A 511 18.32 -23.78 9.02
C GLY A 511 17.82 -22.51 8.33
N GLY A 512 18.48 -22.08 7.25
CA GLY A 512 18.17 -20.84 6.51
C GLY A 512 16.98 -20.99 5.56
N VAL A 513 16.42 -19.86 5.14
CA VAL A 513 15.22 -19.76 4.25
C VAL A 513 15.57 -20.32 2.86
N ALA A 514 14.60 -20.96 2.20
CA ALA A 514 14.73 -21.55 0.85
C ALA A 514 15.07 -20.46 -0.17
N THR A 515 15.74 -20.83 -1.25
CA THR A 515 16.15 -19.94 -2.37
C THR A 515 15.19 -20.12 -3.55
N PHE A 516 15.11 -19.13 -4.43
CA PHE A 516 14.34 -19.17 -5.70
C PHE A 516 14.60 -20.50 -6.44
N GLU A 517 15.84 -20.99 -6.37
CA GLU A 517 16.31 -22.25 -7.01
C GLU A 517 15.69 -23.46 -6.30
N GLU A 518 15.85 -23.56 -4.97
CA GLU A 518 15.35 -24.68 -4.13
C GLU A 518 13.83 -24.78 -4.28
N LEU A 519 13.15 -23.63 -4.36
CA LEU A 519 11.66 -23.54 -4.45
C LEU A 519 11.19 -24.06 -5.82
N SER A 520 11.78 -23.54 -6.90
CA SER A 520 11.42 -23.88 -8.30
C SER A 520 11.65 -25.38 -8.56
N MET A 521 12.71 -25.95 -7.97
CA MET A 521 13.07 -27.40 -8.12
C MET A 521 11.96 -28.28 -7.53
N ALA A 522 11.26 -27.80 -6.50
CA ALA A 522 10.25 -28.56 -5.72
C ALA A 522 8.96 -28.77 -6.53
N SER A 523 8.70 -27.93 -7.52
CA SER A 523 7.39 -27.82 -8.21
C SER A 523 7.07 -29.09 -9.00
N THR A 524 5.78 -29.44 -9.08
CA THR A 524 5.22 -30.57 -9.87
C THR A 524 5.35 -30.25 -11.36
N GLY A 525 5.79 -31.23 -12.16
CA GLY A 525 5.92 -31.10 -13.63
C GLY A 525 7.08 -30.19 -14.02
N THR A 526 6.77 -29.01 -14.57
CA THR A 526 7.76 -27.97 -14.95
C THR A 526 8.47 -27.45 -13.71
N ARG A 527 9.75 -27.10 -13.83
CA ARG A 527 10.55 -26.45 -12.76
C ARG A 527 10.52 -24.94 -13.01
N ARG A 528 9.48 -24.27 -12.50
CA ARG A 528 9.29 -22.80 -12.55
C ARG A 528 9.07 -22.28 -11.13
N LEU A 529 9.61 -21.10 -10.80
CA LEU A 529 9.23 -20.36 -9.56
C LEU A 529 7.83 -19.80 -9.76
N GLY A 530 7.01 -19.84 -8.69
CA GLY A 530 5.66 -19.26 -8.66
C GLY A 530 5.68 -17.93 -7.92
N VAL A 531 5.02 -16.92 -8.48
CA VAL A 531 4.93 -15.55 -7.90
C VAL A 531 3.47 -15.10 -7.98
N MET A 532 2.88 -14.68 -6.87
CA MET A 532 1.52 -14.08 -6.83
C MET A 532 1.54 -12.77 -6.03
N LYS A 533 1.14 -11.68 -6.69
CA LYS A 533 0.79 -10.39 -6.07
C LYS A 533 -0.73 -10.37 -5.88
N GLY A 534 -1.21 -9.88 -4.74
CA GLY A 534 -2.63 -9.87 -4.38
C GLY A 534 -2.99 -8.66 -3.55
N ASP A 535 -3.91 -7.83 -4.06
CA ASP A 535 -4.41 -6.58 -3.42
C ASP A 535 -5.90 -6.81 -3.08
N VAL A 536 -6.46 -6.00 -2.19
CA VAL A 536 -7.93 -5.97 -1.92
C VAL A 536 -8.55 -4.85 -2.76
N ASP A 537 -9.74 -5.10 -3.32
CA ASP A 537 -10.43 -4.23 -4.29
C ASP A 537 -11.17 -3.11 -3.54
N ARG A 538 -11.01 -1.87 -4.00
CA ARG A 538 -11.74 -0.65 -3.54
C ARG A 538 -11.77 -0.59 -2.01
N LEU A 539 -10.59 -0.69 -1.39
CA LEU A 539 -10.38 -0.54 0.08
C LEU A 539 -10.66 0.93 0.47
N GLY A 540 -10.14 1.87 -0.30
CA GLY A 540 -10.32 3.32 -0.10
C GLY A 540 -11.77 3.67 0.21
N GLU A 541 -12.71 3.06 -0.51
CA GLU A 541 -14.18 3.26 -0.34
C GLU A 541 -14.62 2.67 1.01
N PHE A 542 -14.30 1.38 1.24
CA PHE A 542 -14.65 0.61 2.45
C PHE A 542 -14.31 1.43 3.71
N PHE A 543 -13.08 1.95 3.77
CA PHE A 543 -12.55 2.75 4.92
C PHE A 543 -13.24 4.12 4.96
N SER A 544 -13.55 4.69 3.79
CA SER A 544 -14.22 6.01 3.64
C SER A 544 -15.63 5.97 4.25
N SER A 545 -16.26 4.79 4.28
CA SER A 545 -17.65 4.58 4.78
C SER A 545 -17.66 4.34 6.30
N MET A 546 -16.56 4.63 7.00
CA MET A 546 -16.45 4.50 8.48
C MET A 546 -16.80 5.84 9.14
N ASP A 547 -17.80 5.84 10.02
CA ASP A 547 -18.36 7.03 10.73
C ASP A 547 -17.33 7.64 11.67
N SER A 548 -16.65 6.80 12.48
CA SER A 548 -15.95 7.20 13.72
C SER A 548 -14.55 6.60 13.79
N PRO A 549 -13.60 7.25 14.50
CA PRO A 549 -12.28 6.66 14.77
C PRO A 549 -12.33 5.17 15.15
N SER A 550 -13.17 4.82 16.14
CA SER A 550 -13.31 3.44 16.70
C SER A 550 -13.70 2.46 15.59
N LYS A 551 -14.62 2.85 14.71
CA LYS A 551 -15.03 2.06 13.52
C LYS A 551 -13.81 1.82 12.63
N LEU A 552 -13.16 2.91 12.18
CA LEU A 552 -11.94 2.86 11.32
C LEU A 552 -10.89 1.94 11.95
N ALA A 553 -10.77 1.98 13.28
CA ALA A 553 -9.80 1.17 14.07
C ALA A 553 -10.14 -0.31 13.95
N THR A 554 -11.42 -0.67 14.11
CA THR A 554 -11.94 -2.06 13.99
C THR A 554 -11.82 -2.53 12.55
N ALA A 555 -11.95 -1.62 11.58
CA ALA A 555 -11.85 -1.90 10.13
C ALA A 555 -10.40 -2.25 9.79
N SER A 556 -9.48 -1.31 10.05
CA SER A 556 -8.02 -1.44 9.76
C SER A 556 -7.50 -2.75 10.35
N ARG A 557 -7.61 -2.90 11.67
CA ARG A 557 -6.99 -4.02 12.44
C ARG A 557 -7.42 -5.37 11.81
N PHE A 558 -8.71 -5.67 11.80
CA PHE A 558 -9.30 -6.93 11.25
C PHE A 558 -8.76 -7.17 9.84
N MET A 559 -8.62 -6.11 9.04
CA MET A 559 -8.08 -6.16 7.66
C MET A 559 -6.61 -6.59 7.72
N ASP A 560 -5.79 -5.81 8.42
CA ASP A 560 -4.33 -6.01 8.57
C ASP A 560 -4.06 -7.44 9.08
N TYR A 561 -4.80 -7.87 10.10
CA TYR A 561 -4.62 -9.15 10.83
C TYR A 561 -4.90 -10.36 9.93
N PHE A 562 -5.75 -10.23 8.91
CA PHE A 562 -6.03 -11.33 7.96
C PHE A 562 -4.72 -11.74 7.27
N PHE A 563 -3.92 -10.75 6.87
CA PHE A 563 -2.68 -10.93 6.06
C PHE A 563 -1.50 -11.17 7.02
N LYS A 564 -1.32 -10.30 8.02
CA LYS A 564 -0.25 -10.41 9.04
C LYS A 564 -0.46 -11.67 9.90
N GLY A 565 -1.72 -12.06 10.14
CA GLY A 565 -2.08 -13.08 11.14
C GLY A 565 -2.30 -14.46 10.53
N TYR A 566 -3.15 -14.58 9.51
CA TYR A 566 -3.79 -15.86 9.11
C TYR A 566 -3.20 -16.43 7.81
N ILE A 567 -2.52 -15.63 6.98
CA ILE A 567 -1.88 -16.13 5.73
C ILE A 567 -0.87 -17.24 6.10
N GLY A 568 -0.12 -17.06 7.18
CA GLY A 568 0.75 -18.12 7.75
C GLY A 568 -0.01 -19.42 7.89
N ALA A 569 -1.10 -19.39 8.65
CA ALA A 569 -2.03 -20.53 8.89
C ALA A 569 -2.50 -21.10 7.55
N ILE A 570 -2.99 -20.24 6.65
CA ILE A 570 -3.56 -20.65 5.32
C ILE A 570 -2.51 -21.46 4.56
N ILE A 571 -1.24 -21.04 4.60
CA ILE A 571 -0.10 -21.71 3.91
C ILE A 571 0.15 -23.08 4.56
N GLU A 572 0.04 -23.17 5.89
CA GLU A 572 0.27 -24.42 6.67
C GLU A 572 -0.72 -25.50 6.26
N GLY A 573 -1.91 -25.11 5.79
CA GLY A 573 -2.98 -26.02 5.31
C GLY A 573 -4.17 -26.04 6.26
N LYS A 574 -4.28 -25.04 7.15
CA LYS A 574 -5.40 -24.92 8.14
C LYS A 574 -6.67 -24.48 7.42
N PHE A 575 -7.80 -24.52 8.14
CA PHE A 575 -9.13 -24.09 7.65
C PHE A 575 -9.59 -24.88 6.42
N GLY A 576 -9.33 -26.18 6.40
CA GLY A 576 -9.73 -26.98 5.24
C GLY A 576 -11.23 -26.93 5.04
N TYR A 577 -12.02 -27.02 6.10
CA TYR A 577 -13.50 -26.99 5.94
C TYR A 577 -13.97 -25.66 5.37
N ILE A 578 -13.41 -24.56 5.86
CA ILE A 578 -13.82 -23.22 5.35
C ILE A 578 -13.46 -23.06 3.88
N ILE A 579 -12.28 -23.54 3.48
CA ILE A 579 -11.77 -23.31 2.09
C ILE A 579 -11.55 -24.62 1.34
N GLY A 580 -12.38 -25.63 1.52
CA GLY A 580 -12.12 -26.90 0.82
C GLY A 580 -12.39 -26.85 -0.67
N ASP A 581 -11.81 -27.78 -1.43
CA ASP A 581 -12.07 -27.91 -2.88
C ASP A 581 -11.72 -26.65 -3.69
N VAL A 582 -10.42 -26.41 -3.87
CA VAL A 582 -9.93 -25.29 -4.72
C VAL A 582 -9.01 -25.91 -5.77
N PRO A 583 -8.90 -25.37 -6.99
CA PRO A 583 -8.01 -25.96 -8.00
C PRO A 583 -6.68 -26.33 -7.33
N SER A 584 -6.17 -27.53 -7.62
CA SER A 584 -4.88 -28.06 -7.08
C SER A 584 -4.31 -29.09 -8.05
N LEU A 585 -2.99 -29.25 -8.02
CA LEU A 585 -2.25 -30.16 -8.92
C LEU A 585 -1.67 -31.33 -8.11
N ARG A 586 -1.27 -31.08 -6.85
CA ARG A 586 -0.74 -32.11 -5.93
C ARG A 586 -1.49 -32.06 -4.59
N ASP A 587 -1.27 -33.10 -3.76
CA ASP A 587 -1.67 -33.13 -2.34
C ASP A 587 -0.92 -32.01 -1.60
N TRP A 588 -1.60 -31.26 -0.74
CA TRP A 588 -1.00 -30.12 0.00
C TRP A 588 -0.02 -30.64 1.05
N PRO A 589 1.27 -30.25 0.99
CA PRO A 589 2.29 -30.80 1.87
C PRO A 589 2.23 -30.30 3.32
N GLU A 590 3.01 -30.94 4.21
CA GLU A 590 3.15 -30.56 5.65
C GLU A 590 4.08 -29.34 5.74
N GLU A 591 5.21 -29.38 5.01
CA GLU A 591 6.17 -28.24 4.84
C GLU A 591 6.08 -27.74 3.40
N PRO A 592 5.07 -26.91 3.05
CA PRO A 592 4.95 -26.38 1.69
C PRO A 592 6.13 -25.52 1.24
N ASP A 593 6.44 -25.60 -0.07
CA ASP A 593 7.56 -24.88 -0.73
C ASP A 593 7.08 -23.47 -1.09
N ILE A 594 6.95 -22.63 -0.06
CA ILE A 594 6.40 -21.24 -0.11
C ILE A 594 7.36 -20.34 0.68
N VAL A 595 7.49 -19.08 0.26
CA VAL A 595 8.14 -18.00 1.05
C VAL A 595 7.30 -16.73 0.88
N VAL A 596 6.77 -16.19 1.97
CA VAL A 596 6.11 -14.86 2.01
C VAL A 596 7.22 -13.80 1.90
N VAL A 597 7.10 -12.89 0.94
CA VAL A 597 7.96 -11.67 0.81
C VAL A 597 7.30 -10.55 1.62
N TYR A 598 5.98 -10.40 1.46
CA TYR A 598 5.13 -9.46 2.25
C TYR A 598 3.71 -10.01 2.34
N ALA A 599 3.06 -9.67 3.45
CA ALA A 599 1.64 -9.99 3.71
C ALA A 599 1.13 -9.02 4.76
N GLY A 600 0.65 -7.84 4.38
CA GLY A 600 0.17 -6.90 5.40
C GLY A 600 -0.78 -5.86 4.83
N GLY A 601 -1.57 -5.22 5.68
CA GLY A 601 -2.51 -4.23 5.16
C GLY A 601 -3.50 -4.90 4.24
N ASP A 602 -3.64 -4.43 3.01
CA ASP A 602 -4.63 -5.04 2.09
C ASP A 602 -3.90 -5.83 0.99
N ALA A 603 -2.62 -6.12 1.16
CA ALA A 603 -1.89 -6.78 0.06
C ALA A 603 -0.89 -7.84 0.55
N PHE A 604 -0.46 -8.68 -0.38
CA PHE A 604 0.56 -9.75 -0.17
C PHE A 604 1.34 -10.03 -1.46
N PHE A 605 2.65 -10.25 -1.32
CA PHE A 605 3.58 -10.78 -2.34
C PHE A 605 4.20 -12.07 -1.79
N ILE A 606 3.96 -13.20 -2.46
CA ILE A 606 4.45 -14.54 -2.02
C ILE A 606 5.01 -15.28 -3.24
N VAL A 607 6.11 -16.03 -3.04
CA VAL A 607 6.77 -16.87 -4.07
C VAL A 607 6.87 -18.31 -3.54
N GLY A 608 7.08 -19.27 -4.44
CA GLY A 608 7.20 -20.70 -4.10
C GLY A 608 7.05 -21.58 -5.33
N ALA A 609 7.24 -22.89 -5.19
CA ALA A 609 6.98 -23.91 -6.23
C ALA A 609 5.67 -23.56 -6.94
N TRP A 610 5.69 -23.45 -8.27
CA TRP A 610 4.64 -22.76 -9.08
C TRP A 610 3.26 -23.38 -8.83
N ASP A 611 3.18 -24.71 -8.73
CA ASP A 611 1.90 -25.45 -8.58
C ASP A 611 1.31 -25.17 -7.19
N GLN A 612 2.17 -25.06 -6.16
CA GLN A 612 1.75 -24.79 -4.77
C GLN A 612 1.26 -23.33 -4.64
N ILE A 613 1.91 -22.40 -5.34
CA ILE A 613 1.54 -20.95 -5.36
C ILE A 613 0.19 -20.78 -6.09
N PHE A 614 -0.01 -21.50 -7.19
CA PHE A 614 -1.25 -21.49 -8.01
C PHE A 614 -2.46 -21.85 -7.12
N GLU A 615 -2.34 -22.94 -6.35
CA GLU A 615 -3.38 -23.42 -5.41
C GLU A 615 -3.60 -22.38 -4.30
N LEU A 616 -2.51 -21.87 -3.69
CA LEU A 616 -2.54 -20.95 -2.53
C LEU A 616 -3.43 -19.75 -2.83
N ALA A 617 -3.36 -19.20 -4.04
CA ALA A 617 -4.15 -18.04 -4.52
C ALA A 617 -5.64 -18.28 -4.26
N PHE A 618 -6.14 -19.48 -4.60
CA PHE A 618 -7.56 -19.89 -4.44
C PHE A 618 -7.87 -20.12 -2.96
N ARG A 619 -6.94 -20.73 -2.22
CA ARG A 619 -7.05 -20.92 -0.75
C ARG A 619 -7.19 -19.56 -0.07
N VAL A 620 -6.26 -18.64 -0.36
CA VAL A 620 -6.21 -17.27 0.25
C VAL A 620 -7.51 -16.53 -0.08
N ARG A 621 -7.96 -16.56 -1.34
CA ARG A 621 -9.17 -15.83 -1.79
C ARG A 621 -10.42 -16.42 -1.11
N ARG A 622 -10.44 -17.74 -0.86
CA ARG A 622 -11.58 -18.43 -0.20
C ARG A 622 -11.63 -18.04 1.29
N ALA A 623 -10.49 -18.11 1.97
CA ALA A 623 -10.34 -17.72 3.40
C ALA A 623 -10.81 -16.27 3.57
N PHE A 624 -10.40 -15.38 2.67
CA PHE A 624 -10.74 -13.93 2.71
C PHE A 624 -12.23 -13.72 2.45
N ASN A 625 -12.83 -14.55 1.58
CA ASN A 625 -14.29 -14.53 1.30
C ASN A 625 -15.04 -14.84 2.60
N ALA A 626 -14.57 -15.86 3.34
CA ALA A 626 -15.12 -16.30 4.64
C ALA A 626 -14.82 -15.26 5.73
N TYR A 627 -13.59 -14.73 5.77
CA TYR A 627 -13.09 -13.78 6.80
C TYR A 627 -13.86 -12.45 6.69
N THR A 628 -14.23 -12.06 5.48
CA THR A 628 -15.21 -11.00 5.19
C THR A 628 -16.59 -11.68 5.15
N GLY A 629 -17.68 -10.97 4.86
CA GLY A 629 -19.03 -11.56 4.83
C GLY A 629 -19.38 -12.07 3.44
N GLY A 630 -18.37 -12.51 2.68
CA GLY A 630 -18.42 -12.57 1.20
C GLY A 630 -18.75 -11.20 0.63
N LYS A 631 -18.34 -10.13 1.32
CA LYS A 631 -18.71 -8.72 1.02
C LYS A 631 -17.53 -7.95 0.43
N LEU A 632 -16.29 -8.39 0.69
CA LEU A 632 -15.06 -7.83 0.07
C LEU A 632 -14.44 -8.87 -0.85
N THR A 633 -13.61 -8.41 -1.80
CA THR A 633 -13.05 -9.24 -2.90
C THR A 633 -11.55 -8.94 -3.08
N LEU A 634 -10.76 -9.97 -3.37
CA LEU A 634 -9.34 -9.90 -3.79
C LEU A 634 -9.26 -9.91 -5.31
N SER A 635 -8.21 -9.29 -5.86
CA SER A 635 -7.69 -9.53 -7.23
C SER A 635 -6.25 -10.03 -7.11
N VAL A 636 -5.87 -11.03 -7.90
CA VAL A 636 -4.52 -11.67 -7.85
C VAL A 636 -3.93 -11.74 -9.26
N GLY A 637 -2.64 -11.42 -9.39
CA GLY A 637 -1.81 -11.73 -10.58
C GLY A 637 -0.85 -12.86 -10.26
N LEU A 638 -0.88 -13.94 -11.06
CA LEU A 638 0.03 -15.12 -10.91
C LEU A 638 1.13 -15.06 -11.98
N GLY A 639 2.29 -15.64 -11.68
CA GLY A 639 3.47 -15.67 -12.57
C GLY A 639 4.28 -16.94 -12.37
N TYR A 640 4.63 -17.61 -13.48
CA TYR A 640 5.47 -18.85 -13.51
C TYR A 640 6.70 -18.57 -14.38
N PHE A 641 7.83 -18.27 -13.72
CA PHE A 641 9.08 -17.81 -14.36
C PHE A 641 10.18 -18.87 -14.19
N ASP A 642 11.13 -18.87 -15.14
CA ASP A 642 12.46 -19.52 -15.03
C ASP A 642 13.14 -18.96 -13.77
N GLU A 643 13.58 -19.83 -12.87
CA GLU A 643 14.19 -19.47 -11.56
C GLU A 643 15.24 -18.35 -11.76
N ARG A 644 15.92 -18.34 -12.91
CA ARG A 644 17.02 -17.38 -13.22
C ARG A 644 16.47 -16.03 -13.75
N THR A 645 15.19 -15.72 -13.55
CA THR A 645 14.60 -14.39 -13.86
C THR A 645 14.90 -13.44 -12.70
N PRO A 646 15.33 -12.19 -12.96
CA PRO A 646 15.58 -11.22 -11.90
C PRO A 646 14.32 -10.88 -11.10
N ILE A 647 14.46 -10.61 -9.81
CA ILE A 647 13.34 -10.27 -8.88
C ILE A 647 12.51 -9.15 -9.50
N TYR A 648 13.17 -8.12 -10.06
CA TYR A 648 12.55 -6.83 -10.49
C TYR A 648 11.57 -7.08 -11.65
N ARG A 649 11.88 -8.02 -12.54
CA ARG A 649 11.04 -8.31 -13.74
C ARG A 649 9.82 -9.12 -13.31
N MET A 650 10.02 -10.19 -12.54
CA MET A 650 8.93 -11.05 -12.00
C MET A 650 7.89 -10.16 -11.32
N ALA A 651 8.35 -9.23 -10.47
CA ALA A 651 7.53 -8.23 -9.76
C ALA A 651 6.77 -7.38 -10.79
N ASP A 652 7.48 -6.81 -11.76
CA ASP A 652 6.91 -5.90 -12.80
C ASP A 652 5.81 -6.64 -13.57
N VAL A 653 6.00 -7.93 -13.85
CA VAL A 653 5.09 -8.76 -14.70
C VAL A 653 3.84 -9.13 -13.90
N VAL A 654 4.00 -9.62 -12.65
CA VAL A 654 2.83 -9.98 -11.78
C VAL A 654 2.08 -8.70 -11.43
N SER A 655 2.79 -7.59 -11.21
CA SER A 655 2.22 -6.23 -11.00
C SER A 655 1.36 -5.88 -12.21
N GLU A 656 1.93 -5.98 -13.41
CA GLU A 656 1.25 -5.72 -14.71
C GLU A 656 0.01 -6.61 -14.82
N ARG A 657 0.10 -7.86 -14.36
CA ARG A 657 -0.99 -8.87 -14.45
C ARG A 657 -2.06 -8.58 -13.38
N LEU A 658 -1.66 -8.10 -12.21
CA LEU A 658 -2.59 -7.79 -11.08
C LEU A 658 -3.51 -6.63 -11.49
N ASP A 659 -2.95 -5.43 -11.65
CA ASP A 659 -3.72 -4.21 -11.97
C ASP A 659 -4.44 -4.40 -13.31
N THR A 660 -4.17 -5.51 -14.04
CA THR A 660 -4.90 -5.94 -15.25
C THR A 660 -6.18 -6.66 -14.85
N ALA A 661 -6.13 -7.52 -13.82
CA ALA A 661 -7.31 -8.21 -13.25
C ALA A 661 -8.28 -7.17 -12.67
N LYS A 662 -7.74 -6.14 -12.01
CA LYS A 662 -8.54 -5.02 -11.44
C LYS A 662 -9.19 -4.24 -12.60
N ASP A 663 -8.38 -3.79 -13.55
CA ASP A 663 -8.83 -3.02 -14.75
C ASP A 663 -9.98 -3.74 -15.46
N GLU A 664 -9.96 -5.07 -15.53
CA GLU A 664 -10.94 -5.89 -16.29
C GLU A 664 -12.17 -6.17 -15.41
N GLY A 665 -12.58 -5.19 -14.61
CA GLY A 665 -13.45 -5.42 -13.43
C GLY A 665 -12.64 -6.04 -12.31
N ARG A 666 -13.18 -6.08 -11.09
CA ARG A 666 -12.42 -6.56 -9.89
C ARG A 666 -13.03 -7.88 -9.44
N ASN A 667 -12.44 -8.51 -8.42
CA ASN A 667 -12.82 -9.85 -7.90
C ASN A 667 -12.48 -10.92 -8.96
N ARG A 668 -11.24 -10.91 -9.45
CA ARG A 668 -10.78 -11.85 -10.52
C ARG A 668 -9.26 -12.06 -10.43
N VAL A 669 -8.81 -13.25 -10.85
CA VAL A 669 -7.38 -13.69 -10.82
C VAL A 669 -6.85 -13.78 -12.26
N PHE A 670 -5.63 -13.30 -12.49
CA PHE A 670 -4.81 -13.55 -13.71
C PHE A 670 -4.03 -14.85 -13.45
N VAL A 671 -4.46 -15.94 -14.09
CA VAL A 671 -4.05 -17.35 -13.77
C VAL A 671 -2.74 -17.67 -14.51
N VAL A 672 -2.72 -17.47 -15.82
CA VAL A 672 -1.53 -17.68 -16.70
C VAL A 672 -1.65 -16.74 -17.90
N GLY A 673 -0.52 -16.25 -18.43
CA GLY A 673 -0.47 -15.47 -19.68
C GLY A 673 -1.26 -16.16 -20.77
N ARG A 674 -1.89 -15.39 -21.67
CA ARG A 674 -2.84 -15.91 -22.68
C ARG A 674 -2.88 -15.02 -23.93
N SER A 675 -2.87 -15.65 -25.11
CA SER A 675 -3.26 -15.04 -26.41
C SER A 675 -4.76 -14.77 -26.41
N ARG A 676 -5.19 -13.66 -27.02
CA ARG A 676 -6.64 -13.30 -27.14
C ARG A 676 -6.85 -12.42 -28.37
N PRO A 677 -8.12 -12.25 -28.82
CA PRO A 677 -8.46 -11.23 -29.80
C PRO A 677 -8.55 -9.84 -29.17
N LEU A 678 -7.89 -8.84 -29.76
CA LEU A 678 -7.83 -7.44 -29.27
C LEU A 678 -9.05 -6.66 -29.79
N ASP A 679 -10.26 -7.18 -29.54
CA ASP A 679 -11.54 -6.59 -30.00
C ASP A 679 -12.26 -5.90 -28.83
N GLY A 680 -11.63 -5.86 -27.65
CA GLY A 680 -12.16 -5.23 -26.43
C GLY A 680 -13.36 -5.97 -25.86
N LYS A 681 -13.53 -7.25 -26.20
CA LYS A 681 -14.61 -8.14 -25.67
C LYS A 681 -14.01 -9.27 -24.84
N HIS A 682 -12.69 -9.51 -24.95
CA HIS A 682 -11.99 -10.71 -24.44
C HIS A 682 -11.04 -10.31 -23.30
N LYS A 683 -11.36 -10.77 -22.08
CA LYS A 683 -10.64 -10.43 -20.82
C LYS A 683 -9.59 -11.51 -20.55
N LEU A 684 -8.32 -11.12 -20.40
CA LEU A 684 -7.20 -12.01 -19.99
C LEU A 684 -7.53 -12.60 -18.61
N SER A 685 -8.10 -11.78 -17.72
CA SER A 685 -8.47 -12.12 -16.32
C SER A 685 -9.64 -13.12 -16.32
N TYR A 686 -9.71 -13.96 -15.28
CA TYR A 686 -10.88 -14.81 -14.92
C TYR A 686 -11.48 -14.32 -13.60
N GLU A 687 -12.80 -14.21 -13.50
CA GLU A 687 -13.52 -14.15 -12.20
C GLU A 687 -13.17 -15.42 -11.41
N TRP A 688 -12.92 -15.28 -10.10
CA TRP A 688 -12.55 -16.40 -9.20
C TRP A 688 -13.53 -17.56 -9.38
N ASN A 689 -14.84 -17.26 -9.41
CA ASN A 689 -15.94 -18.25 -9.48
C ASN A 689 -15.98 -18.88 -10.88
N HIS A 690 -15.82 -18.08 -11.93
CA HIS A 690 -15.69 -18.56 -13.33
C HIS A 690 -14.61 -19.65 -13.37
N TYR A 691 -13.35 -19.32 -13.05
CA TYR A 691 -12.20 -20.25 -13.11
C TYR A 691 -12.45 -21.45 -12.19
N GLU A 692 -12.84 -21.21 -10.94
CA GLU A 692 -13.05 -22.30 -9.94
C GLU A 692 -14.02 -23.33 -10.52
N GLU A 693 -15.04 -22.88 -11.25
CA GLU A 693 -16.07 -23.75 -11.90
C GLU A 693 -15.46 -24.46 -13.11
N LEU A 694 -14.72 -23.73 -13.96
CA LEU A 694 -14.04 -24.30 -15.16
C LEU A 694 -13.17 -25.49 -14.72
N TRP A 695 -12.38 -25.31 -13.65
CA TRP A 695 -11.47 -26.35 -13.11
C TRP A 695 -12.27 -27.57 -12.63
N ARG A 696 -13.32 -27.36 -11.83
CA ARG A 696 -14.21 -28.42 -11.31
C ARG A 696 -14.76 -29.28 -12.46
N THR A 697 -15.06 -28.64 -13.59
CA THR A 697 -15.68 -29.24 -14.79
C THR A 697 -14.68 -30.14 -15.52
N TYR A 698 -13.52 -29.60 -15.91
CA TYR A 698 -12.60 -30.19 -16.91
C TYR A 698 -11.48 -30.99 -16.25
N ALA A 699 -10.85 -30.44 -15.20
CA ALA A 699 -9.64 -31.02 -14.55
C ALA A 699 -9.85 -32.49 -14.20
N PRO A 700 -10.96 -32.89 -13.54
CA PRO A 700 -11.15 -34.29 -13.15
C PRO A 700 -11.21 -35.29 -14.32
N ARG A 701 -11.59 -34.83 -15.51
CA ARG A 701 -11.75 -35.68 -16.73
C ARG A 701 -10.39 -35.98 -17.36
N ILE A 702 -9.42 -35.05 -17.23
CA ILE A 702 -8.12 -35.09 -17.96
C ILE A 702 -6.96 -35.34 -16.99
N TYR A 703 -7.03 -34.80 -15.76
CA TYR A 703 -5.94 -34.82 -14.75
C TYR A 703 -6.29 -35.83 -13.65
N ALA A 704 -5.34 -36.68 -13.27
CA ALA A 704 -5.46 -37.69 -12.20
C ALA A 704 -4.92 -37.13 -10.88
N GLY A 705 -3.87 -36.30 -10.94
CA GLY A 705 -3.29 -35.62 -9.76
C GLY A 705 -1.82 -35.94 -9.57
N ASN A 706 -1.18 -35.24 -8.63
CA ASN A 706 0.26 -35.34 -8.26
C ASN A 706 1.09 -35.60 -9.52
N GLY A 707 0.94 -34.74 -10.53
CA GLY A 707 1.81 -34.67 -11.73
C GLY A 707 1.43 -35.68 -12.80
N ARG A 708 0.46 -36.56 -12.50
CA ARG A 708 0.10 -37.64 -13.45
C ARG A 708 -1.24 -37.39 -14.15
N LEU A 709 -1.19 -37.33 -15.49
CA LEU A 709 -2.38 -37.21 -16.38
C LEU A 709 -3.31 -38.41 -16.10
N LYS A 710 -4.53 -38.41 -16.66
CA LYS A 710 -5.46 -39.57 -16.59
C LYS A 710 -4.96 -40.68 -17.53
N GLY A 711 -5.10 -41.94 -17.11
CA GLY A 711 -4.65 -43.14 -17.86
C GLY A 711 -5.20 -43.15 -19.28
N LYS A 712 -6.43 -42.67 -19.47
CA LYS A 712 -7.12 -42.59 -20.79
C LYS A 712 -6.32 -41.71 -21.76
N LEU A 713 -5.69 -40.64 -21.25
CA LEU A 713 -5.03 -39.59 -22.06
C LEU A 713 -3.51 -39.86 -22.19
N GLU A 714 -2.94 -40.75 -21.38
CA GLU A 714 -1.59 -41.31 -21.66
C GLU A 714 -1.67 -41.96 -23.05
N SER A 715 -0.88 -41.45 -24.00
CA SER A 715 -0.91 -41.81 -25.44
C SER A 715 -1.87 -40.89 -26.21
N LYS A 716 -2.36 -39.81 -25.57
CA LYS A 716 -3.29 -38.82 -26.18
C LYS A 716 -3.03 -37.40 -25.64
N LYS A 717 -1.90 -37.18 -24.95
CA LYS A 717 -1.50 -35.87 -24.35
C LYS A 717 -1.67 -34.74 -25.39
N GLY A 718 -1.66 -35.09 -26.68
CA GLY A 718 -1.76 -34.15 -27.82
C GLY A 718 -3.16 -33.62 -28.05
N LEU A 719 -4.20 -34.42 -27.75
CA LEU A 719 -5.63 -34.02 -27.93
C LEU A 719 -5.88 -32.70 -27.18
N LEU A 720 -5.19 -32.49 -26.05
CA LEU A 720 -5.21 -31.22 -25.28
C LEU A 720 -4.51 -30.14 -26.12
N TRP A 721 -3.25 -30.36 -26.48
CA TRP A 721 -2.41 -29.44 -27.31
C TRP A 721 -3.17 -29.02 -28.58
N LYS A 722 -4.03 -29.89 -29.12
CA LYS A 722 -4.77 -29.64 -30.38
C LYS A 722 -5.90 -28.64 -30.11
N LEU A 723 -6.53 -28.68 -28.94
CA LEU A 723 -7.54 -27.69 -28.49
C LEU A 723 -6.90 -26.30 -28.33
N LEU A 724 -5.65 -26.25 -27.88
CA LEU A 724 -4.90 -24.97 -27.73
C LEU A 724 -4.68 -24.36 -29.11
N GLU A 725 -4.22 -25.16 -30.08
CA GLU A 725 -4.01 -24.75 -31.50
C GLU A 725 -5.37 -24.49 -32.16
N ILE A 726 -6.46 -25.08 -31.65
CA ILE A 726 -7.86 -24.86 -32.13
C ILE A 726 -8.34 -23.48 -31.64
N ARG A 727 -8.12 -23.18 -30.35
CA ARG A 727 -8.46 -21.88 -29.72
C ARG A 727 -7.70 -20.76 -30.44
N GLU A 728 -6.49 -21.04 -30.93
CA GLU A 728 -5.62 -20.06 -31.65
C GLU A 728 -6.31 -19.62 -32.96
N LEU A 729 -7.02 -20.51 -33.64
CA LEU A 729 -7.75 -20.21 -34.91
C LEU A 729 -9.11 -19.58 -34.59
N TYR A 730 -9.40 -19.37 -33.30
CA TYR A 730 -10.50 -18.50 -32.77
C TYR A 730 -9.90 -17.14 -32.39
N VAL A 731 -8.66 -17.11 -31.89
CA VAL A 731 -7.91 -15.87 -31.55
C VAL A 731 -7.57 -15.11 -32.84
N ARG A 732 -7.11 -15.82 -33.88
CA ARG A 732 -6.79 -15.25 -35.21
C ARG A 732 -7.98 -14.39 -35.69
N ASP A 733 -9.18 -14.96 -35.62
CA ASP A 733 -10.46 -14.27 -35.99
C ASP A 733 -11.61 -14.96 -35.25
N PRO A 734 -12.16 -14.33 -34.18
CA PRO A 734 -13.32 -14.91 -33.47
C PRO A 734 -14.65 -14.86 -34.23
N ASN A 735 -14.63 -14.44 -35.50
CA ASN A 735 -15.81 -14.43 -36.41
C ASN A 735 -15.71 -15.62 -37.39
N ASP A 736 -14.51 -16.10 -37.69
CA ASP A 736 -14.24 -17.27 -38.55
C ASP A 736 -14.74 -18.53 -37.82
N VAL A 737 -15.50 -19.39 -38.52
CA VAL A 737 -16.25 -20.54 -37.93
C VAL A 737 -15.47 -21.84 -38.14
N ARG A 738 -14.19 -21.75 -38.53
CA ARG A 738 -13.31 -22.91 -38.85
C ARG A 738 -13.17 -23.83 -37.63
N TRP A 739 -13.16 -23.29 -36.41
CA TRP A 739 -12.96 -24.06 -35.15
C TRP A 739 -14.15 -25.01 -34.92
N ALA A 740 -15.27 -24.80 -35.61
CA ALA A 740 -16.42 -25.74 -35.66
C ALA A 740 -16.08 -26.92 -36.58
N TYR A 741 -15.60 -26.61 -37.79
CA TYR A 741 -15.16 -27.59 -38.84
C TYR A 741 -14.18 -28.61 -38.25
N LEU A 742 -13.25 -28.15 -37.39
CA LEU A 742 -12.11 -28.96 -36.88
C LEU A 742 -12.60 -30.02 -35.88
N THR A 743 -13.49 -29.64 -34.96
CA THR A 743 -14.04 -30.50 -33.87
C THR A 743 -14.71 -31.73 -34.49
N LEU A 752 -11.52 -39.27 -27.54
CA LEU A 752 -12.98 -39.45 -27.80
C LEU A 752 -13.65 -38.08 -27.84
N SER A 753 -14.67 -37.92 -28.70
CA SER A 753 -15.42 -36.65 -28.93
C SER A 753 -16.38 -36.37 -27.75
N ASP A 754 -16.64 -37.37 -26.90
CA ASP A 754 -17.42 -37.24 -25.65
C ASP A 754 -16.72 -36.26 -24.70
N LEU A 755 -15.41 -36.44 -24.53
CA LEU A 755 -14.51 -35.54 -23.76
C LEU A 755 -14.63 -34.12 -24.33
N PHE A 756 -14.92 -33.14 -23.46
CA PHE A 756 -15.15 -31.71 -23.82
C PHE A 756 -16.35 -31.57 -24.76
N PRO A 757 -17.60 -31.83 -24.29
CA PRO A 757 -18.80 -31.61 -25.10
C PRO A 757 -19.21 -30.13 -25.17
N GLU A 758 -18.68 -29.29 -24.27
CA GLU A 758 -19.08 -27.87 -24.10
C GLU A 758 -18.55 -27.04 -25.28
N LEU A 759 -17.38 -27.41 -25.82
CA LEU A 759 -16.58 -26.57 -26.76
C LEU A 759 -17.03 -26.78 -28.20
N VAL A 760 -17.37 -28.02 -28.57
CA VAL A 760 -17.60 -28.45 -29.99
C VAL A 760 -18.67 -27.56 -30.63
N GLY A 761 -19.80 -27.34 -29.94
CA GLY A 761 -20.95 -26.57 -30.44
C GLY A 761 -20.65 -25.08 -30.51
N ILE A 762 -21.31 -24.36 -31.42
CA ILE A 762 -21.21 -22.88 -31.58
C ILE A 762 -22.18 -22.23 -30.60
N ASP A 763 -21.69 -21.80 -29.44
CA ASP A 763 -22.47 -21.08 -28.40
C ASP A 763 -23.16 -19.87 -29.06
N THR A 764 -24.31 -19.47 -28.51
CA THR A 764 -25.24 -18.48 -29.14
C THR A 764 -25.59 -17.36 -28.16
N LYS A 765 -25.92 -17.71 -26.90
CA LYS A 765 -26.15 -16.74 -25.80
C LYS A 765 -24.92 -15.82 -25.67
N ALA A 766 -23.71 -16.39 -25.80
CA ALA A 766 -22.41 -15.69 -25.77
C ALA A 766 -22.33 -14.67 -26.92
N VAL A 767 -22.85 -15.04 -28.10
CA VAL A 767 -22.86 -14.19 -29.33
C VAL A 767 -23.82 -13.02 -29.08
N GLU A 768 -24.93 -13.27 -28.38
CA GLU A 768 -25.96 -12.25 -28.02
C GLU A 768 -25.44 -11.37 -26.87
N ARG A 769 -25.00 -12.00 -25.77
CA ARG A 769 -24.47 -11.33 -24.56
C ARG A 769 -23.15 -10.59 -24.88
N LYS A 770 -22.64 -10.72 -26.11
CA LYS A 770 -21.39 -10.07 -26.60
C LYS A 770 -20.21 -10.57 -25.77
N GLU A 771 -20.23 -11.86 -25.41
CA GLU A 771 -19.24 -12.53 -24.53
C GLU A 771 -18.43 -13.54 -25.36
N PRO A 772 -17.26 -14.00 -24.85
CA PRO A 772 -16.49 -15.03 -25.54
C PRO A 772 -17.19 -16.39 -25.64
N GLN A 773 -16.67 -17.27 -26.50
CA GLN A 773 -17.05 -18.71 -26.61
C GLN A 773 -16.38 -19.48 -25.48
N PRO A 774 -17.03 -20.55 -24.94
CA PRO A 774 -16.38 -21.42 -23.97
C PRO A 774 -14.95 -21.83 -24.34
N VAL A 775 -14.68 -22.01 -25.65
CA VAL A 775 -13.34 -22.32 -26.23
C VAL A 775 -12.32 -21.32 -25.70
N TYR A 776 -12.68 -20.04 -25.61
CA TYR A 776 -11.78 -18.92 -25.19
C TYR A 776 -11.22 -19.19 -23.78
N TRP A 777 -12.02 -19.81 -22.90
CA TRP A 777 -11.74 -19.90 -21.43
C TRP A 777 -10.87 -21.10 -21.08
N VAL A 778 -10.98 -22.21 -21.84
CA VAL A 778 -10.48 -23.56 -21.43
C VAL A 778 -8.97 -23.53 -21.17
N ASP A 779 -8.19 -22.91 -22.06
CA ASP A 779 -6.71 -22.86 -21.98
C ASP A 779 -6.25 -22.66 -20.53
N GLY A 780 -6.96 -21.81 -19.76
CA GLY A 780 -6.67 -21.51 -18.34
C GLY A 780 -6.53 -22.76 -17.49
N VAL A 781 -7.31 -23.80 -17.80
CA VAL A 781 -7.24 -25.14 -17.15
C VAL A 781 -6.11 -25.94 -17.80
N LEU A 782 -6.20 -26.18 -19.12
CA LEU A 782 -5.30 -27.09 -19.89
C LEU A 782 -3.84 -26.69 -19.68
N LYS A 783 -3.47 -25.44 -20.00
CA LYS A 783 -2.07 -24.94 -19.93
C LYS A 783 -1.47 -25.29 -18.56
N ILE A 784 -2.25 -25.09 -17.48
CA ILE A 784 -1.85 -25.39 -16.07
C ILE A 784 -1.66 -26.91 -15.91
N VAL A 785 -2.56 -27.72 -16.46
CA VAL A 785 -2.48 -29.21 -16.43
C VAL A 785 -1.22 -29.67 -17.17
N LEU A 786 -0.97 -29.13 -18.36
CA LEU A 786 0.17 -29.51 -19.24
C LEU A 786 1.50 -29.12 -18.58
N MET A 787 1.55 -28.02 -17.84
CA MET A 787 2.73 -27.59 -17.03
C MET A 787 3.00 -28.63 -15.94
N ALA A 788 1.95 -29.23 -15.39
CA ALA A 788 2.00 -30.16 -14.23
C ALA A 788 2.37 -31.57 -14.68
N VAL A 789 2.36 -31.85 -15.99
CA VAL A 789 2.51 -33.21 -16.57
C VAL A 789 3.87 -33.35 -17.29
N ARG A 790 4.47 -32.24 -17.74
CA ARG A 790 5.75 -32.23 -18.50
C ARG A 790 6.88 -32.77 -17.63
N PRO B 2 1.57 29.60 -28.05
CA PRO B 2 2.65 29.88 -29.03
C PRO B 2 2.79 28.75 -30.07
N LYS B 3 3.36 29.06 -31.23
CA LYS B 3 3.67 28.07 -32.30
C LYS B 3 5.15 27.68 -32.21
N PHE B 4 5.48 26.46 -32.61
CA PHE B 4 6.83 25.84 -32.49
C PHE B 4 7.14 25.00 -33.73
N ILE B 5 8.41 24.62 -33.89
CA ILE B 5 8.87 23.62 -34.90
C ILE B 5 8.93 22.26 -34.21
N ALA B 6 8.09 21.32 -34.65
CA ALA B 6 8.07 19.91 -34.21
C ALA B 6 8.99 19.10 -35.12
N VAL B 7 10.12 18.62 -34.58
CA VAL B 7 11.05 17.68 -35.27
C VAL B 7 10.45 16.28 -35.13
N LYS B 8 9.99 15.69 -36.23
CA LYS B 8 9.40 14.31 -36.27
C LYS B 8 10.50 13.32 -36.62
N LEU B 9 10.72 12.32 -35.74
CA LEU B 9 11.61 11.17 -35.98
C LEU B 9 10.78 10.00 -36.50
N ILE B 10 10.93 9.65 -37.78
CA ILE B 10 10.36 8.41 -38.40
C ILE B 10 11.38 7.30 -38.19
N PRO B 11 11.04 6.23 -37.42
CA PRO B 11 12.02 5.19 -37.09
C PRO B 11 12.20 4.14 -38.19
N LYS B 12 13.46 3.74 -38.42
CA LYS B 12 13.85 2.58 -39.28
C LYS B 12 14.16 1.39 -38.35
N GLY B 13 13.13 0.87 -37.68
CA GLY B 13 13.25 -0.23 -36.68
C GLY B 13 13.01 0.27 -35.26
N PRO B 14 13.29 -0.55 -34.22
CA PRO B 14 13.00 -0.18 -32.84
C PRO B 14 13.95 0.88 -32.24
N PHE B 15 13.53 1.48 -31.11
CA PHE B 15 14.25 2.51 -30.33
C PHE B 15 14.55 1.97 -28.93
N ARG B 16 15.73 2.27 -28.40
CA ARG B 16 16.14 1.86 -27.03
C ARG B 16 15.27 2.57 -26.00
N ASP B 17 14.99 3.86 -26.21
CA ASP B 17 14.24 4.68 -25.23
C ASP B 17 13.63 5.88 -25.94
N ILE B 18 12.68 6.55 -25.28
CA ILE B 18 12.17 7.87 -25.75
C ILE B 18 13.17 8.88 -25.25
N PRO B 19 14.00 9.51 -26.11
CA PRO B 19 15.05 10.41 -25.63
C PRO B 19 14.44 11.67 -25.01
N ARG B 20 14.95 12.10 -23.84
CA ARG B 20 14.48 13.33 -23.16
C ARG B 20 15.52 14.43 -23.41
N ALA B 21 15.18 15.67 -23.08
CA ALA B 21 15.82 16.91 -23.58
C ALA B 21 17.34 16.87 -23.38
N ASP B 22 17.79 16.46 -22.18
CA ASP B 22 19.24 16.48 -21.82
C ASP B 22 20.01 15.59 -22.82
N THR B 23 19.46 14.44 -23.19
CA THR B 23 20.10 13.44 -24.09
C THR B 23 19.88 13.84 -25.55
N LEU B 24 18.82 14.59 -25.86
CA LEU B 24 18.59 15.19 -27.19
C LEU B 24 19.64 16.27 -27.45
N PHE B 25 19.78 17.23 -26.52
CA PHE B 25 20.80 18.30 -26.60
C PHE B 25 22.19 17.65 -26.69
N GLY B 26 22.47 16.69 -25.81
CA GLY B 26 23.70 15.87 -25.83
C GLY B 26 24.01 15.38 -27.23
N ALA B 27 23.08 14.63 -27.83
CA ALA B 27 23.19 14.03 -29.18
C ALA B 27 23.46 15.13 -30.22
N ILE B 28 22.72 16.24 -30.14
CA ILE B 28 22.84 17.40 -31.07
C ILE B 28 24.19 18.09 -30.84
N GLY B 29 24.60 18.25 -29.59
CA GLY B 29 25.91 18.81 -29.21
C GLY B 29 27.05 18.07 -29.87
N ASN B 30 27.09 16.74 -29.67
CA ASN B 30 28.13 15.82 -30.21
C ASN B 30 28.12 15.85 -31.75
N ALA B 31 26.92 15.87 -32.35
CA ALA B 31 26.70 15.93 -33.81
C ALA B 31 27.32 17.21 -34.38
N ILE B 32 27.14 18.34 -33.69
CA ILE B 32 27.64 19.68 -34.14
C ILE B 32 29.17 19.71 -34.07
N SER B 33 29.75 19.17 -32.99
CA SER B 33 31.22 19.10 -32.77
C SER B 33 31.88 18.32 -33.92
N ALA B 34 31.20 17.26 -34.41
CA ALA B 34 31.66 16.39 -35.52
C ALA B 34 31.57 17.12 -36.86
N ILE B 35 30.66 18.10 -36.99
CA ILE B 35 30.40 18.83 -38.27
C ILE B 35 31.18 20.15 -38.31
N HIS B 36 31.07 20.99 -37.26
CA HIS B 36 31.53 22.41 -37.29
C HIS B 36 32.51 22.72 -36.14
N GLY B 37 33.03 21.71 -35.43
CA GLY B 37 33.97 21.90 -34.31
C GLY B 37 33.30 22.55 -33.10
N GLN B 38 34.05 22.68 -32.00
CA GLN B 38 33.55 23.14 -30.68
C GLN B 38 33.05 24.59 -30.75
N SER B 39 33.63 25.40 -31.65
CA SER B 39 33.22 26.81 -31.91
C SER B 39 31.70 26.90 -32.10
N ALA B 40 31.13 25.96 -32.85
CA ALA B 40 29.68 25.87 -33.16
C ALA B 40 28.90 25.45 -31.91
N VAL B 41 29.44 24.49 -31.13
CA VAL B 41 28.84 24.02 -29.85
C VAL B 41 28.65 25.22 -28.93
N GLU B 42 29.65 26.11 -28.86
CA GLU B 42 29.63 27.35 -28.03
C GLU B 42 28.50 28.27 -28.54
N GLU B 43 28.39 28.46 -29.86
CA GLU B 43 27.35 29.29 -30.50
C GLU B 43 25.96 28.69 -30.24
N LEU B 44 25.89 27.36 -30.07
CA LEU B 44 24.64 26.60 -29.77
C LEU B 44 24.23 26.85 -28.31
N VAL B 45 25.16 26.70 -27.36
CA VAL B 45 24.93 26.91 -25.91
C VAL B 45 24.48 28.37 -25.68
N ASP B 46 25.14 29.32 -26.37
CA ASP B 46 24.81 30.77 -26.32
C ASP B 46 23.38 31.00 -26.78
N ALA B 47 23.01 30.43 -27.94
CA ALA B 47 21.66 30.49 -28.54
C ALA B 47 20.63 30.00 -27.51
N PHE B 48 20.94 28.90 -26.82
CA PHE B 48 20.04 28.21 -25.86
C PHE B 48 19.95 29.02 -24.55
N VAL B 49 21.10 29.42 -24.00
CA VAL B 49 21.17 30.37 -22.85
C VAL B 49 20.45 31.67 -23.26
N GLY B 50 20.55 32.04 -24.54
CA GLY B 50 19.93 33.25 -25.12
C GLY B 50 18.43 33.28 -25.00
N GLY B 51 17.78 32.11 -24.92
CA GLY B 51 16.31 31.99 -24.81
C GLY B 51 15.73 30.85 -25.64
N ALA B 52 16.54 30.26 -26.53
CA ALA B 52 16.15 29.08 -27.35
C ALA B 52 15.98 27.87 -26.44
N ARG B 53 15.05 26.97 -26.78
CA ARG B 53 14.67 25.77 -25.99
C ARG B 53 14.34 24.61 -26.93
N ILE B 54 14.66 23.38 -26.53
CA ILE B 54 14.10 22.13 -27.13
C ILE B 54 13.33 21.37 -26.04
N SER B 55 12.17 20.80 -26.39
CA SER B 55 11.39 19.88 -25.53
C SER B 55 12.11 18.54 -25.44
N SER B 56 11.67 17.69 -24.52
CA SER B 56 11.94 16.22 -24.55
C SER B 56 11.17 15.63 -25.73
N ALA B 57 11.54 14.44 -26.18
CA ALA B 57 10.84 13.70 -27.24
C ALA B 57 9.52 13.15 -26.68
N PHE B 58 8.48 13.09 -27.53
CA PHE B 58 7.13 12.57 -27.20
C PHE B 58 6.64 11.69 -28.35
N PRO B 59 5.69 10.75 -28.09
CA PRO B 59 5.14 9.91 -29.15
C PRO B 59 4.20 10.72 -30.07
N TYR B 60 4.20 10.39 -31.37
CA TYR B 60 3.14 10.79 -32.33
C TYR B 60 2.60 9.51 -32.99
N SER B 61 1.31 9.50 -33.31
CA SER B 61 0.62 8.43 -34.08
C SER B 61 -0.10 9.07 -35.28
N GLY B 62 0.49 8.95 -36.47
CA GLY B 62 0.00 9.55 -37.72
C GLY B 62 -0.07 11.06 -37.62
N ASP B 63 -1.27 11.59 -37.36
CA ASP B 63 -1.56 13.05 -37.30
C ASP B 63 -2.06 13.42 -35.89
N THR B 64 -1.65 12.67 -34.88
CA THR B 64 -1.96 12.93 -33.44
C THR B 64 -0.63 13.19 -32.71
N TYR B 65 -0.46 14.40 -32.17
CA TYR B 65 0.71 14.79 -31.33
C TYR B 65 0.34 14.64 -29.86
N TYR B 66 1.06 13.75 -29.15
CA TYR B 66 0.89 13.49 -27.71
C TYR B 66 1.83 14.40 -26.92
N LEU B 67 1.44 14.77 -25.69
CA LEU B 67 2.21 15.66 -24.79
C LEU B 67 2.07 15.16 -23.36
N PRO B 68 3.03 15.48 -22.46
CA PRO B 68 3.00 14.96 -21.09
C PRO B 68 1.81 15.54 -20.30
N LYS B 69 1.13 14.67 -19.55
CA LYS B 69 0.09 15.04 -18.55
C LYS B 69 0.71 16.01 -17.55
N PRO B 70 0.24 17.27 -17.46
CA PRO B 70 0.77 18.21 -16.48
C PRO B 70 0.34 17.83 -15.06
N LEU B 71 1.31 17.74 -14.12
CA LEU B 71 1.08 17.33 -12.71
C LEU B 71 0.09 18.29 -12.03
N SER B 72 -0.23 19.42 -12.67
CA SER B 72 -1.21 20.44 -12.20
C SER B 72 -2.57 19.80 -11.92
N VAL B 73 -2.95 18.77 -12.69
CA VAL B 73 -4.32 18.14 -12.65
C VAL B 73 -4.39 17.11 -11.52
N GLU B 74 -3.27 16.43 -11.21
CA GLU B 74 -3.21 15.29 -10.25
C GLU B 74 -3.99 15.65 -8.98
N PRO B 75 -3.75 16.83 -8.34
CA PRO B 75 -4.52 17.22 -7.17
C PRO B 75 -6.01 17.54 -7.45
N ALA B 76 -6.28 18.15 -8.60
CA ALA B 76 -7.58 18.77 -8.97
C ALA B 76 -8.59 17.73 -9.50
N LEU B 77 -8.18 16.46 -9.67
CA LEU B 77 -8.98 15.41 -10.34
C LEU B 77 -10.43 15.40 -9.84
N GLU B 78 -10.64 15.68 -8.55
CA GLU B 78 -11.97 15.70 -7.88
C GLU B 78 -12.82 16.86 -8.39
N GLY B 79 -12.21 18.03 -8.65
CA GLY B 79 -12.87 19.24 -9.15
C GLY B 79 -13.47 19.03 -10.53
N ASP B 85 -20.25 9.55 -9.61
CA ASP B 85 -20.34 8.16 -9.09
C ASP B 85 -19.02 7.78 -8.40
N GLU B 86 -19.08 7.39 -7.12
CA GLU B 86 -17.90 7.02 -6.28
C GLU B 86 -17.02 6.03 -7.05
N GLU B 87 -17.57 4.88 -7.40
CA GLU B 87 -16.85 3.75 -8.05
C GLU B 87 -16.20 4.25 -9.34
N GLU B 88 -16.96 4.96 -10.19
CA GLU B 88 -16.44 5.63 -11.42
C GLU B 88 -15.30 6.59 -11.03
N ARG B 89 -15.53 7.44 -10.00
CA ARG B 89 -14.58 8.50 -9.56
C ARG B 89 -13.23 7.87 -9.18
N TYR B 90 -13.22 6.91 -8.24
CA TYR B 90 -12.00 6.20 -7.78
C TYR B 90 -11.28 5.59 -8.99
N THR B 91 -12.00 4.77 -9.77
CA THR B 91 -11.47 4.02 -10.94
C THR B 91 -10.88 5.01 -11.97
N THR B 92 -11.66 5.99 -12.42
CA THR B 92 -11.23 7.01 -13.42
C THR B 92 -9.96 7.69 -12.89
N ALA B 93 -10.01 8.23 -11.67
CA ALA B 93 -8.90 9.00 -11.03
C ALA B 93 -7.59 8.21 -11.11
N LYS B 94 -7.61 6.93 -10.70
CA LYS B 94 -6.42 6.04 -10.72
C LYS B 94 -5.88 5.97 -12.16
N ARG B 95 -6.75 5.69 -13.14
CA ARG B 95 -6.36 5.50 -14.57
C ARG B 95 -5.74 6.81 -15.10
N LEU B 96 -6.34 7.97 -14.78
CA LEU B 96 -5.82 9.30 -15.19
C LEU B 96 -4.48 9.52 -14.50
N ARG B 97 -4.37 9.16 -13.22
CA ARG B 97 -3.13 9.23 -12.42
C ARG B 97 -2.03 8.41 -13.12
N LYS B 98 -2.37 7.22 -13.62
CA LYS B 98 -1.41 6.27 -14.24
C LYS B 98 -0.96 6.80 -15.61
N ALA B 99 -1.86 7.39 -16.39
CA ALA B 99 -1.58 7.96 -17.74
C ALA B 99 -0.43 8.95 -17.65
N LYS B 100 0.57 8.83 -18.54
CA LYS B 100 1.79 9.68 -18.55
C LYS B 100 1.72 10.69 -19.70
N TYR B 101 0.79 10.50 -20.65
CA TYR B 101 0.63 11.33 -21.87
C TYR B 101 -0.85 11.70 -22.09
N LEU B 102 -1.10 12.86 -22.69
CA LEU B 102 -2.41 13.31 -23.20
C LEU B 102 -2.26 13.82 -24.64
N ASP B 103 -3.25 13.60 -25.49
CA ASP B 103 -3.31 14.15 -26.88
C ASP B 103 -3.39 15.68 -26.79
N LEU B 104 -2.79 16.39 -27.75
CA LEU B 104 -2.67 17.87 -27.81
C LEU B 104 -4.01 18.52 -27.45
N LYS B 105 -5.09 18.14 -28.14
CA LYS B 105 -6.47 18.63 -27.93
C LYS B 105 -6.76 18.65 -26.42
N ASN B 106 -6.54 17.50 -25.75
CA ASN B 106 -6.84 17.26 -24.31
C ASN B 106 -5.79 17.94 -23.42
N PHE B 107 -4.52 17.99 -23.85
CA PHE B 107 -3.42 18.70 -23.14
C PHE B 107 -3.80 20.16 -22.93
N GLU B 108 -4.29 20.82 -23.99
CA GLU B 108 -4.69 22.25 -24.00
C GLU B 108 -5.84 22.48 -23.01
N LEU B 109 -6.68 21.47 -22.77
CA LEU B 109 -7.78 21.52 -21.77
C LEU B 109 -7.19 21.44 -20.36
N ALA B 110 -6.43 20.39 -20.07
CA ALA B 110 -5.80 20.10 -18.75
C ALA B 110 -5.02 21.33 -18.24
N LEU B 111 -4.46 22.14 -19.14
CA LEU B 111 -3.73 23.38 -18.81
C LEU B 111 -4.67 24.41 -18.18
N ARG B 112 -5.96 24.39 -18.54
CA ARG B 112 -7.00 25.35 -18.09
C ARG B 112 -7.93 24.71 -17.04
N LEU B 113 -7.57 23.53 -16.52
CA LEU B 113 -8.32 22.76 -15.49
C LEU B 113 -9.78 22.56 -15.94
N ARG B 114 -9.97 22.25 -17.23
CA ARG B 114 -11.28 21.82 -17.79
C ARG B 114 -11.25 20.30 -17.94
N PRO B 115 -12.40 19.61 -18.05
CA PRO B 115 -12.41 18.16 -18.19
C PRO B 115 -11.71 17.75 -19.50
N PHE B 116 -11.06 16.59 -19.49
CA PHE B 116 -10.30 16.02 -20.64
C PHE B 116 -10.34 14.49 -20.56
N THR B 117 -9.98 13.83 -21.66
CA THR B 117 -9.94 12.34 -21.76
C THR B 117 -8.51 11.89 -22.05
N ILE B 118 -8.22 10.61 -21.79
CA ILE B 118 -6.88 9.97 -21.94
C ILE B 118 -6.81 9.34 -23.32
N PRO B 119 -5.59 9.18 -23.91
CA PRO B 119 -5.42 8.27 -25.04
C PRO B 119 -5.61 6.80 -24.62
N GLU B 120 -6.48 6.08 -25.33
CA GLU B 120 -6.89 4.69 -25.00
C GLU B 120 -5.69 3.75 -25.19
N GLU B 121 -5.15 3.68 -26.41
CA GLU B 121 -3.92 2.93 -26.75
C GLU B 121 -2.80 3.92 -27.09
N ILE B 122 -1.64 3.77 -26.47
CA ILE B 122 -0.44 4.63 -26.66
C ILE B 122 0.42 3.99 -27.76
N PRO B 123 0.97 4.77 -28.73
CA PRO B 123 1.53 4.19 -29.95
C PRO B 123 2.83 3.37 -29.83
N TYR B 124 3.23 2.96 -28.62
CA TYR B 124 4.45 2.15 -28.38
C TYR B 124 4.21 1.14 -27.25
N ALA B 125 5.05 0.10 -27.22
CA ALA B 125 5.05 -0.98 -26.21
C ALA B 125 6.49 -1.42 -25.94
N ARG B 126 6.94 -1.30 -24.68
CA ARG B 126 8.28 -1.75 -24.24
C ARG B 126 8.34 -3.27 -24.22
N VAL B 127 8.84 -3.88 -25.31
CA VAL B 127 9.29 -5.30 -25.34
C VAL B 127 10.61 -5.36 -24.56
N ASP B 128 10.89 -6.53 -23.98
CA ASP B 128 12.16 -6.81 -23.28
C ASP B 128 12.62 -8.19 -23.75
N VAL B 129 13.48 -8.22 -24.76
CA VAL B 129 13.99 -9.52 -25.28
C VAL B 129 14.95 -10.05 -24.22
N PRO B 130 14.80 -11.30 -23.74
CA PRO B 130 15.68 -11.84 -22.73
C PRO B 130 16.85 -12.63 -23.31
N ARG B 131 17.70 -13.17 -22.43
CA ARG B 131 18.85 -14.04 -22.81
C ARG B 131 19.28 -14.81 -21.56
N PHE B 145 18.37 -9.55 -19.06
CA PHE B 145 18.13 -9.15 -20.47
C PHE B 145 17.77 -7.66 -20.56
N TRP B 146 17.68 -7.13 -21.78
CA TRP B 146 17.41 -5.69 -22.06
C TRP B 146 16.20 -5.54 -22.98
N GLU B 147 15.67 -4.33 -23.12
CA GLU B 147 14.44 -4.14 -23.92
C GLU B 147 14.58 -3.01 -24.92
N GLU B 148 13.69 -3.02 -25.91
CA GLU B 148 13.60 -1.97 -26.96
C GLU B 148 12.18 -1.43 -26.97
N ILE B 149 11.89 -0.54 -27.91
CA ILE B 149 10.54 0.06 -28.08
C ILE B 149 10.05 -0.17 -29.51
N ARG B 150 9.01 -0.99 -29.67
CA ARG B 150 8.34 -1.28 -30.96
C ARG B 150 7.36 -0.16 -31.28
N PHE B 151 7.57 0.55 -32.40
CA PHE B 151 6.70 1.68 -32.85
C PHE B 151 5.57 1.13 -33.73
N ARG B 152 4.33 1.52 -33.40
CA ARG B 152 3.11 1.18 -34.18
C ARG B 152 3.26 1.75 -35.60
N GLU B 153 2.38 1.34 -36.53
CA GLU B 153 2.39 1.75 -37.95
C GLU B 153 2.17 3.26 -38.06
N LYS B 154 3.02 3.97 -38.82
CA LYS B 154 2.99 5.44 -39.04
C LYS B 154 3.03 6.19 -37.71
N SER B 155 3.70 5.61 -36.70
CA SER B 155 3.90 6.19 -35.35
C SER B 155 5.40 6.27 -35.06
N GLY B 156 5.87 7.43 -34.60
CA GLY B 156 7.27 7.66 -34.20
C GLY B 156 7.34 8.54 -32.96
N VAL B 157 8.41 9.33 -32.87
CA VAL B 157 8.69 10.27 -31.74
C VAL B 157 9.01 11.66 -32.33
N TYR B 158 8.67 12.73 -31.61
CA TYR B 158 8.92 14.14 -32.03
C TYR B 158 9.37 14.97 -30.83
N PHE B 159 9.97 16.14 -31.06
CA PHE B 159 10.31 17.13 -30.01
C PHE B 159 10.19 18.55 -30.59
N LEU B 160 9.84 19.51 -29.72
CA LEU B 160 9.59 20.92 -30.10
C LEU B 160 10.87 21.74 -29.99
N TYR B 161 11.04 22.72 -30.87
CA TYR B 161 12.09 23.78 -30.80
C TYR B 161 11.41 25.16 -30.86
N SER B 162 11.64 25.98 -29.83
CA SER B 162 11.27 27.42 -29.80
C SER B 162 12.57 28.24 -29.81
N GLY B 163 12.67 29.19 -30.74
CA GLY B 163 13.84 30.08 -30.90
C GLY B 163 13.89 30.70 -32.29
N PRO B 164 14.97 31.46 -32.61
CA PRO B 164 15.18 31.97 -33.97
C PRO B 164 15.40 30.85 -35.00
N ARG B 165 14.91 31.05 -36.23
CA ARG B 165 14.98 30.08 -37.35
C ARG B 165 16.44 29.87 -37.76
N GLU B 166 17.23 30.95 -37.81
CA GLU B 166 18.67 30.94 -38.21
C GLU B 166 19.48 30.03 -37.28
N VAL B 167 19.01 29.78 -36.06
CA VAL B 167 19.62 28.81 -35.09
C VAL B 167 19.11 27.40 -35.40
N PHE B 168 17.84 27.25 -35.80
CA PHE B 168 17.27 25.95 -36.23
C PHE B 168 17.99 25.47 -37.49
N ASP B 169 18.06 26.35 -38.50
CA ASP B 169 18.68 26.06 -39.84
C ASP B 169 20.17 25.78 -39.66
N GLY B 170 20.86 26.55 -38.81
CA GLY B 170 22.32 26.54 -38.66
C GLY B 170 22.84 25.33 -37.90
N TYR B 171 22.09 24.83 -36.92
CA TYR B 171 22.58 23.84 -35.92
C TYR B 171 21.61 22.67 -35.76
N ILE B 172 20.40 22.92 -35.25
CA ILE B 172 19.42 21.85 -34.86
C ILE B 172 19.14 20.97 -36.08
N ALA B 173 18.77 21.56 -37.21
CA ALA B 173 18.38 20.84 -38.44
C ALA B 173 19.54 19.96 -38.91
N PRO B 174 20.72 20.53 -39.27
CA PRO B 174 21.84 19.73 -39.78
C PRO B 174 22.23 18.57 -38.85
N ALA B 175 22.29 18.84 -37.54
CA ALA B 175 22.60 17.85 -36.48
C ALA B 175 21.61 16.68 -36.54
N MET B 176 20.31 16.98 -36.67
CA MET B 176 19.22 15.97 -36.64
C MET B 176 19.34 15.05 -37.88
N ARG B 177 19.69 15.62 -39.03
CA ARG B 177 19.95 14.86 -40.29
C ARG B 177 21.17 13.95 -40.07
N PHE B 178 22.28 14.51 -39.58
CA PHE B 178 23.53 13.79 -39.25
C PHE B 178 23.21 12.57 -38.38
N LEU B 179 22.42 12.78 -37.32
CA LEU B 179 22.02 11.72 -36.35
C LEU B 179 21.12 10.69 -37.04
N GLY B 180 20.48 11.07 -38.15
CA GLY B 180 19.59 10.21 -38.95
C GLY B 180 20.35 9.09 -39.66
N ASP B 181 21.19 9.44 -40.63
CA ASP B 181 21.99 8.51 -41.48
C ASP B 181 21.06 7.69 -42.38
N LEU B 194 19.22 4.69 -37.86
CA LEU B 194 18.14 4.13 -36.98
C LEU B 194 16.83 4.91 -37.16
N PHE B 195 16.87 6.15 -37.68
CA PHE B 195 15.66 6.96 -37.99
C PHE B 195 15.95 7.99 -39.10
N GLU B 196 14.87 8.58 -39.63
CA GLU B 196 14.86 9.62 -40.69
C GLU B 196 13.99 10.79 -40.22
N VAL B 197 14.34 12.02 -40.62
CA VAL B 197 13.85 13.29 -40.00
C VAL B 197 13.02 14.10 -41.01
N GLU B 198 11.87 14.60 -40.58
CA GLU B 198 11.12 15.72 -41.20
C GLU B 198 10.55 16.59 -40.08
N PHE B 199 10.28 17.88 -40.33
CA PHE B 199 9.75 18.83 -39.32
C PHE B 199 8.66 19.72 -39.91
N HIS B 200 7.63 19.99 -39.11
CA HIS B 200 6.44 20.82 -39.44
C HIS B 200 6.26 21.90 -38.37
N GLU B 201 5.47 22.94 -38.68
CA GLU B 201 5.05 23.97 -37.71
C GLU B 201 3.94 23.36 -36.82
N MET B 202 3.94 23.69 -35.53
CA MET B 202 2.97 23.15 -34.54
C MET B 202 2.54 24.27 -33.59
N LYS B 203 1.24 24.33 -33.26
CA LYS B 203 0.63 25.36 -32.37
C LYS B 203 0.08 24.69 -31.10
N ILE B 204 0.42 25.23 -29.93
CA ILE B 204 -0.12 24.80 -28.61
C ILE B 204 -0.74 26.01 -27.92
N ASP B 205 -2.07 26.12 -27.91
CA ASP B 205 -2.81 27.14 -27.13
C ASP B 205 -2.61 26.83 -25.65
N ALA B 206 -2.04 27.77 -24.90
CA ALA B 206 -1.64 27.61 -23.48
C ALA B 206 -2.04 28.86 -22.71
N PRO B 207 -2.76 28.73 -21.57
CA PRO B 207 -3.26 29.89 -20.83
C PRO B 207 -2.11 30.75 -20.29
N GLY B 208 -2.22 32.07 -20.45
CA GLY B 208 -1.33 33.07 -19.83
C GLY B 208 -1.46 33.02 -18.32
N SER B 209 -0.36 32.74 -17.62
CA SER B 209 -0.34 32.41 -16.17
C SER B 209 1.03 32.71 -15.55
N GLU B 210 1.05 32.89 -14.23
CA GLU B 210 2.29 33.02 -13.40
C GLU B 210 3.04 31.68 -13.41
N TYR B 211 2.31 30.57 -13.54
CA TYR B 211 2.81 29.17 -13.47
C TYR B 211 2.93 28.60 -14.88
N SER B 212 3.81 27.61 -15.07
CA SER B 212 4.05 26.94 -16.37
C SER B 212 4.53 25.50 -16.17
N VAL B 213 4.20 24.63 -17.14
CA VAL B 213 4.70 23.23 -17.25
C VAL B 213 6.05 23.27 -17.97
N THR B 214 6.97 22.36 -17.65
CA THR B 214 8.15 22.07 -18.50
C THR B 214 7.78 20.91 -19.43
N LEU B 215 8.08 21.06 -20.72
CA LEU B 215 8.00 19.97 -21.74
C LEU B 215 9.38 19.32 -21.87
N SER B 216 10.32 19.68 -20.98
CA SER B 216 11.70 19.16 -20.91
C SER B 216 12.07 18.87 -19.45
N ASN B 217 12.77 17.76 -19.20
CA ASN B 217 13.43 17.50 -17.89
C ASN B 217 14.40 18.65 -17.64
N ALA B 218 14.42 19.18 -16.41
CA ALA B 218 15.07 20.47 -16.06
C ALA B 218 15.89 20.35 -14.76
N LEU B 219 17.03 21.03 -14.70
CA LEU B 219 17.83 21.28 -13.48
C LEU B 219 17.37 22.61 -12.88
N PRO B 220 16.42 22.59 -11.91
CA PRO B 220 15.78 23.83 -11.46
C PRO B 220 16.76 24.79 -10.76
N THR B 221 16.52 26.09 -10.91
CA THR B 221 17.21 27.18 -10.16
C THR B 221 16.47 27.38 -8.85
N LYS B 222 15.16 27.65 -8.92
CA LYS B 222 14.24 27.81 -7.77
C LYS B 222 13.57 26.48 -7.43
N THR B 223 13.05 26.34 -6.21
CA THR B 223 12.23 25.17 -5.77
C THR B 223 10.91 25.20 -6.54
N PRO B 224 10.51 24.09 -7.20
CA PRO B 224 9.31 24.07 -8.05
C PRO B 224 8.01 23.87 -7.25
N VAL B 225 6.86 23.96 -7.93
CA VAL B 225 5.50 23.89 -7.32
C VAL B 225 5.13 22.42 -7.11
N LEU B 226 4.95 21.67 -8.21
CA LEU B 226 4.70 20.21 -8.23
C LEU B 226 5.75 19.55 -9.13
N TRP B 227 6.22 18.35 -8.79
CA TRP B 227 7.28 17.66 -9.56
C TRP B 227 7.38 16.16 -9.25
N ARG B 228 7.92 15.42 -10.21
CA ARG B 228 8.53 14.07 -10.02
C ARG B 228 10.04 14.20 -10.25
N LEU B 229 10.85 13.74 -9.30
CA LEU B 229 12.33 13.74 -9.42
C LEU B 229 12.74 12.73 -10.49
N LEU B 230 13.96 12.86 -11.00
CA LEU B 230 14.55 11.98 -12.04
C LEU B 230 16.07 11.90 -11.82
N ARG B 231 16.58 10.69 -11.54
CA ARG B 231 17.97 10.42 -11.08
C ARG B 231 18.81 9.95 -12.27
N LYS B 232 19.98 10.56 -12.49
CA LYS B 232 20.94 10.21 -13.56
C LYS B 232 22.37 10.46 -13.05
N ARG B 243 26.37 11.95 -10.77
CA ARG B 243 24.90 11.76 -10.89
C ARG B 243 24.20 13.11 -10.71
N MET B 244 23.08 13.31 -11.43
CA MET B 244 22.30 14.58 -11.46
C MET B 244 20.86 14.32 -10.98
N THR B 245 20.22 15.35 -10.43
CA THR B 245 18.81 15.33 -9.93
C THR B 245 17.96 16.27 -10.80
N PHE B 246 17.21 15.70 -11.75
CA PHE B 246 16.32 16.41 -12.70
C PHE B 246 14.87 16.40 -12.19
N ILE B 247 14.15 17.46 -12.54
CA ILE B 247 12.68 17.52 -12.33
C ILE B 247 12.11 16.87 -13.61
N ALA B 248 11.08 16.04 -13.51
CA ALA B 248 10.58 15.36 -14.73
C ALA B 248 9.70 16.25 -15.59
N GLU B 249 9.34 15.76 -16.77
CA GLU B 249 8.45 16.50 -17.70
C GLU B 249 7.05 16.57 -17.08
N GLY B 250 6.32 17.65 -17.32
CA GLY B 250 4.97 17.78 -16.76
C GLY B 250 5.00 18.49 -15.43
N SER B 251 6.15 18.46 -14.76
CA SER B 251 6.30 19.14 -13.45
C SER B 251 6.08 20.64 -13.64
N ILE B 252 5.53 21.31 -12.62
CA ILE B 252 5.09 22.74 -12.68
C ILE B 252 6.12 23.60 -11.93
N VAL B 253 6.58 24.67 -12.57
CA VAL B 253 7.54 25.67 -12.00
C VAL B 253 6.90 27.06 -12.10
N LYS B 254 7.23 27.96 -11.18
CA LYS B 254 6.80 29.39 -11.22
C LYS B 254 8.03 30.26 -11.55
N ASN B 255 8.10 30.74 -12.79
CA ASN B 255 9.16 31.66 -13.27
C ASN B 255 10.52 31.06 -12.91
N ASP B 256 10.86 29.93 -13.54
CA ASP B 256 12.14 29.19 -13.37
C ASP B 256 12.67 28.80 -14.75
N PRO B 257 13.73 29.45 -15.26
CA PRO B 257 14.21 29.19 -16.60
C PRO B 257 15.02 27.90 -16.71
N GLY B 258 15.29 27.25 -15.57
CA GLY B 258 16.30 26.18 -15.46
C GLY B 258 17.68 26.73 -15.78
N GLY B 259 18.71 25.89 -15.66
CA GLY B 259 20.11 26.24 -15.96
C GLY B 259 20.80 25.16 -16.77
N MET B 260 21.91 25.51 -17.42
CA MET B 260 22.85 24.55 -18.05
C MET B 260 24.02 24.33 -17.09
N GLU B 261 24.76 23.22 -17.27
CA GLU B 261 25.96 22.90 -16.47
C GLU B 261 27.08 22.42 -17.40
N ARG B 262 28.29 22.95 -17.23
CA ARG B 262 29.47 22.50 -18.01
C ARG B 262 30.45 21.87 -17.02
N LEU B 263 30.91 20.64 -17.25
CA LEU B 263 31.81 20.03 -16.24
C LEU B 263 33.06 19.47 -16.89
N GLU B 264 34.17 19.45 -16.15
CA GLU B 264 35.43 18.89 -16.68
C GLU B 264 35.46 17.41 -16.29
N LEU B 265 35.00 16.56 -17.20
CA LEU B 265 35.05 15.10 -16.98
C LEU B 265 36.52 14.66 -17.04
N GLY B 266 37.26 15.32 -17.94
CA GLY B 266 38.64 14.96 -18.26
C GLY B 266 38.69 14.32 -19.64
N LEU B 267 37.61 14.48 -20.42
CA LEU B 267 37.48 13.92 -21.78
C LEU B 267 38.08 14.83 -22.85
N SER B 268 38.64 15.98 -22.43
CA SER B 268 39.39 17.05 -23.16
C SER B 268 38.51 18.21 -23.66
N HIS B 269 37.19 18.05 -23.71
CA HIS B 269 36.33 19.19 -24.13
C HIS B 269 35.30 19.38 -23.02
N GLU B 270 35.11 20.62 -22.55
CA GLU B 270 34.12 20.76 -21.43
C GLU B 270 32.71 20.47 -21.91
N VAL B 271 32.11 19.40 -21.37
CA VAL B 271 30.77 18.91 -21.79
C VAL B 271 29.66 19.72 -21.11
N TYR B 272 28.62 20.05 -21.87
CA TYR B 272 27.45 20.81 -21.35
C TYR B 272 26.29 19.83 -21.14
N VAL B 273 25.67 19.87 -19.96
CA VAL B 273 24.42 19.15 -19.61
C VAL B 273 23.25 20.13 -19.71
N TYR B 274 22.29 19.86 -20.59
CA TYR B 274 21.08 20.69 -20.83
C TYR B 274 20.06 20.46 -19.72
N GLY B 275 19.62 21.54 -19.06
CA GLY B 275 18.61 21.51 -17.99
C GLY B 275 17.70 22.72 -18.01
N LEU B 276 17.41 23.25 -19.20
CA LEU B 276 16.55 24.45 -19.37
C LEU B 276 15.08 24.01 -19.42
N THR B 277 14.19 24.82 -18.83
CA THR B 277 12.73 24.60 -18.79
C THR B 277 12.13 25.06 -20.12
N PHE B 278 11.25 24.23 -20.70
CA PHE B 278 10.42 24.54 -21.90
C PHE B 278 9.03 24.91 -21.41
N PRO B 279 8.80 26.18 -20.98
CA PRO B 279 7.59 26.55 -20.25
C PRO B 279 6.36 26.80 -21.14
N LEU B 280 5.22 26.22 -20.75
CA LEU B 280 3.85 26.59 -21.23
C LEU B 280 2.99 26.93 -20.01
N GLY B 281 2.39 28.12 -19.99
CA GLY B 281 1.57 28.61 -18.87
C GLY B 281 0.46 27.64 -18.51
N VAL B 282 0.19 27.46 -17.20
CA VAL B 282 -0.77 26.46 -16.67
C VAL B 282 -1.59 27.10 -15.55
N GLU B 283 -2.93 27.02 -15.63
CA GLU B 283 -3.85 27.41 -14.54
C GLU B 283 -3.73 26.35 -13.42
N LEU B 284 -3.69 26.79 -12.16
CA LEU B 284 -3.53 25.90 -10.97
C LEU B 284 -4.77 25.98 -10.09
N PRO B 285 -5.12 24.87 -9.39
CA PRO B 285 -6.12 24.90 -8.32
C PRO B 285 -5.50 25.41 -7.01
N GLU B 286 -6.31 26.07 -6.17
CA GLU B 286 -5.86 26.66 -4.88
C GLU B 286 -5.67 25.55 -3.84
N GLY B 287 -4.49 25.48 -3.22
CA GLY B 287 -4.13 24.47 -2.20
C GLY B 287 -2.66 24.10 -2.27
#